data_4O6N
#
_entry.id   4O6N
#
_cell.length_a   46.329
_cell.length_b   90.670
_cell.length_c   106.444
_cell.angle_alpha   90.00
_cell.angle_beta   92.07
_cell.angle_gamma   90.00
#
_symmetry.space_group_name_H-M   'P 1 21 1'
#
loop_
_entity.id
_entity.type
_entity.pdbx_description
1 polymer 'AF2299, a CDP-alcohol phosphotransferase'
2 non-polymer 'CALCIUM ION'
3 non-polymer "CYTIDINE-5'-DIPHOSPHATE"
4 non-polymer '[(Z)-octadec-9-enyl] (2R)-2,3-bis(oxidanyl)propanoate'
5 non-polymer 'L(+)-TARTARIC ACID'
6 water water
#
_entity_poly.entity_id   1
_entity_poly.type   'polypeptide(L)'
_entity_poly.pdbx_seq_one_letter_code
;MHHHHHHHHHHSSGVDLGTENLYFQSNAMRLAYVKNHEIYGEKLLGLTLRERIEKTLQRAGFDVRFFDELSLEEAEDYLI
ILEPVLILERDLLLEGRKILVSDGFTVGYFFGGDFRTVFDGNLQSSIEKYLSLNNLESYEIWAIKLSNDNLKTAEKLLLS
SLIKAKRTGLKPAYYDGWIAREINRKVSLRISRLLADTSVTPNQITVFSFFLSLVGSALFLLNSYLTTLLAGVIIQLHSI
IDGCDGEIARLKFMESKYGAWLDGVLDRYSDFIIVFSITYVLSASNPVYWIIGFLAAFASLMIAYTGDKFVAAYMRTYSP
EGFAIPITRDFRLLIIFACSVVNLPSLALVIIALLGNFEALRRIVALRSYTN
;
_entity_poly.pdbx_strand_id   A,B
#
# COMPACT_ATOMS: atom_id res chain seq x y z
N MET A 29 21.31 1.85 -20.61
CA MET A 29 21.08 0.46 -21.09
C MET A 29 22.08 -0.52 -20.49
N ARG A 30 21.59 -1.70 -20.14
CA ARG A 30 22.44 -2.79 -19.67
C ARG A 30 22.20 -4.00 -20.58
N LEU A 31 23.28 -4.61 -21.05
CA LEU A 31 23.18 -5.72 -21.99
C LEU A 31 23.52 -7.06 -21.36
N ALA A 32 22.66 -8.04 -21.59
CA ALA A 32 22.89 -9.41 -21.16
C ALA A 32 23.12 -10.30 -22.37
N TYR A 33 24.35 -10.78 -22.51
CA TYR A 33 24.71 -11.67 -23.61
C TYR A 33 24.61 -13.13 -23.18
N VAL A 34 23.71 -13.86 -23.84
CA VAL A 34 23.46 -15.27 -23.53
C VAL A 34 23.78 -16.15 -24.72
N LYS A 35 24.78 -17.01 -24.60
CA LYS A 35 25.17 -17.88 -25.69
C LYS A 35 24.09 -18.93 -25.94
N ASN A 36 23.77 -19.15 -27.22
CA ASN A 36 22.77 -20.13 -27.61
C ASN A 36 23.15 -21.55 -27.23
N HIS A 37 22.13 -22.33 -26.89
CA HIS A 37 22.29 -23.76 -26.63
C HIS A 37 21.01 -24.47 -27.05
N GLU A 38 21.14 -25.69 -27.55
CA GLU A 38 20.00 -26.43 -28.08
C GLU A 38 18.95 -26.71 -27.01
N ILE A 39 19.37 -26.66 -25.74
CA ILE A 39 18.49 -27.00 -24.64
C ILE A 39 17.52 -25.87 -24.30
N TYR A 40 17.88 -24.64 -24.69
CA TYR A 40 17.02 -23.48 -24.46
C TYR A 40 15.69 -23.62 -25.20
N GLY A 41 15.66 -24.49 -26.21
CA GLY A 41 14.47 -24.69 -27.01
C GLY A 41 13.46 -25.60 -26.33
N GLU A 42 13.89 -26.30 -25.29
CA GLU A 42 12.99 -27.20 -24.56
C GLU A 42 12.00 -26.40 -23.72
N LYS A 43 10.78 -26.91 -23.63
CA LYS A 43 9.72 -26.24 -22.88
C LYS A 43 9.67 -26.72 -21.44
N LEU A 44 9.69 -25.77 -20.50
CA LEU A 44 9.57 -26.08 -19.08
C LEU A 44 8.39 -25.33 -18.47
N LEU A 45 7.34 -26.07 -18.15
CA LEU A 45 6.14 -25.50 -17.54
C LEU A 45 5.55 -24.35 -18.36
N GLY A 46 5.30 -24.62 -19.65
CA GLY A 46 4.55 -23.72 -20.50
C GLY A 46 5.39 -22.78 -21.34
N LEU A 47 6.61 -22.49 -20.89
CA LEU A 47 7.50 -21.57 -21.57
C LEU A 47 8.83 -22.25 -21.93
N THR A 48 9.39 -21.89 -23.07
CA THR A 48 10.71 -22.40 -23.45
C THR A 48 11.73 -21.81 -22.48
N LEU A 49 12.79 -22.56 -22.21
CA LEU A 49 13.85 -22.09 -21.31
C LEU A 49 14.51 -20.83 -21.87
N ARG A 50 14.39 -20.65 -23.18
CA ARG A 50 14.89 -19.45 -23.84
C ARG A 50 14.07 -18.23 -23.42
N GLU A 51 12.76 -18.39 -23.42
CA GLU A 51 11.85 -17.31 -23.05
C GLU A 51 11.99 -17.00 -21.56
N ARG A 52 12.23 -18.03 -20.77
CA ARG A 52 12.36 -17.87 -19.32
C ARG A 52 13.58 -17.04 -18.93
N ILE A 53 14.74 -17.36 -19.51
CA ILE A 53 15.94 -16.62 -19.18
C ILE A 53 15.85 -15.20 -19.72
N GLU A 54 15.25 -15.05 -20.89
CA GLU A 54 15.07 -13.72 -21.48
C GLU A 54 14.21 -12.83 -20.58
N LYS A 55 13.06 -13.34 -20.16
CA LYS A 55 12.13 -12.56 -19.37
C LYS A 55 12.69 -12.24 -17.98
N THR A 56 13.36 -13.20 -17.37
CA THR A 56 13.96 -13.00 -16.04
C THR A 56 14.99 -11.88 -16.07
N LEU A 57 15.81 -11.85 -17.12
CA LEU A 57 16.85 -10.85 -17.23
C LEU A 57 16.26 -9.48 -17.56
N GLN A 58 15.18 -9.47 -18.34
CA GLN A 58 14.45 -8.24 -18.63
C GLN A 58 13.88 -7.64 -17.35
N ARG A 59 13.26 -8.47 -16.52
CA ARG A 59 12.76 -8.05 -15.22
C ARG A 59 13.85 -7.34 -14.42
N ALA A 60 15.07 -7.86 -14.50
CA ALA A 60 16.19 -7.30 -13.75
C ALA A 60 16.75 -6.03 -14.42
N GLY A 61 16.18 -5.64 -15.55
CA GLY A 61 16.53 -4.38 -16.20
C GLY A 61 17.63 -4.50 -17.24
N PHE A 62 17.73 -5.67 -17.88
CA PHE A 62 18.72 -5.90 -18.93
C PHE A 62 18.07 -6.09 -20.29
N ASP A 63 18.66 -5.48 -21.31
CA ASP A 63 18.34 -5.82 -22.69
C ASP A 63 19.09 -7.10 -23.05
N VAL A 64 18.40 -8.06 -23.64
CA VAL A 64 18.96 -9.38 -23.87
C VAL A 64 19.43 -9.56 -25.32
N ARG A 65 20.58 -10.21 -25.46
CA ARG A 65 21.14 -10.52 -26.77
C ARG A 65 21.62 -11.98 -26.81
N PHE A 66 20.91 -12.81 -27.57
CA PHE A 66 21.36 -14.18 -27.81
C PHE A 66 22.39 -14.20 -28.93
N PHE A 67 23.42 -15.05 -28.79
CA PHE A 67 24.53 -15.06 -29.74
C PHE A 67 25.19 -16.42 -29.91
N ASP A 68 25.80 -16.61 -31.09
CA ASP A 68 26.71 -17.72 -31.34
C ASP A 68 28.13 -17.17 -31.27
N GLU A 69 28.39 -16.18 -32.11
CA GLU A 69 29.60 -15.36 -32.00
C GLU A 69 29.19 -13.98 -31.49
N LEU A 70 29.98 -13.43 -30.59
CA LEU A 70 29.60 -12.19 -29.92
C LEU A 70 30.19 -10.94 -30.57
N SER A 71 29.31 -10.03 -30.95
CA SER A 71 29.70 -8.69 -31.37
C SER A 71 29.21 -7.70 -30.31
N LEU A 72 30.11 -6.88 -29.79
CA LEU A 72 29.82 -6.08 -28.61
C LEU A 72 29.20 -4.74 -28.93
N GLU A 73 28.09 -4.43 -28.27
CA GLU A 73 27.40 -3.16 -28.40
C GLU A 73 27.67 -2.31 -27.16
N GLU A 74 27.50 -1.00 -27.30
CA GLU A 74 27.75 -0.09 -26.18
C GLU A 74 26.64 -0.20 -25.13
N ALA A 75 27.03 -0.18 -23.86
CA ALA A 75 26.07 -0.27 -22.77
C ALA A 75 26.68 0.14 -21.44
N GLU A 76 25.83 0.36 -20.45
CA GLU A 76 26.28 0.74 -19.11
C GLU A 76 27.02 -0.40 -18.42
N ASP A 77 26.51 -1.62 -18.60
CA ASP A 77 27.10 -2.80 -17.99
C ASP A 77 26.84 -4.02 -18.86
N TYR A 78 27.59 -5.10 -18.61
CA TYR A 78 27.50 -6.31 -19.41
C TYR A 78 27.33 -7.55 -18.53
N LEU A 79 26.34 -8.36 -18.87
CA LEU A 79 26.16 -9.67 -18.25
C LEU A 79 26.38 -10.76 -19.31
N ILE A 80 27.28 -11.70 -19.01
CA ILE A 80 27.59 -12.77 -19.95
C ILE A 80 27.28 -14.14 -19.35
N ILE A 81 26.47 -14.91 -20.06
CA ILE A 81 26.09 -16.25 -19.65
C ILE A 81 26.47 -17.23 -20.75
N LEU A 82 27.45 -18.07 -20.47
CA LEU A 82 28.03 -18.96 -21.47
C LEU A 82 27.39 -20.34 -21.44
N GLU A 83 27.12 -20.86 -20.25
CA GLU A 83 26.55 -22.19 -20.11
C GLU A 83 25.03 -22.09 -19.91
N PRO A 84 24.28 -23.07 -20.45
CA PRO A 84 22.82 -23.01 -20.33
C PRO A 84 22.36 -23.12 -18.88
N VAL A 85 21.53 -22.18 -18.45
CA VAL A 85 21.11 -22.11 -17.05
C VAL A 85 19.65 -21.67 -16.93
N LEU A 86 18.98 -22.17 -15.91
CA LEU A 86 17.66 -21.69 -15.53
C LEU A 86 17.77 -20.89 -14.24
N ILE A 87 17.42 -19.61 -14.31
CA ILE A 87 17.49 -18.73 -13.15
C ILE A 87 16.22 -18.84 -12.32
N LEU A 88 16.40 -19.07 -11.02
CA LEU A 88 15.29 -19.28 -10.10
C LEU A 88 15.09 -18.06 -9.22
N GLU A 89 16.17 -17.28 -9.02
CA GLU A 89 16.10 -16.06 -8.24
C GLU A 89 15.06 -15.11 -8.84
N ARG A 90 14.37 -14.37 -7.98
CA ARG A 90 13.22 -13.57 -8.39
C ARG A 90 13.55 -12.08 -8.45
N ASP A 91 14.33 -11.60 -7.48
CA ASP A 91 14.67 -10.19 -7.39
C ASP A 91 16.17 -9.98 -7.60
N LEU A 92 16.67 -10.45 -8.74
CA LEU A 92 18.10 -10.36 -9.04
C LEU A 92 18.57 -8.91 -9.09
N LEU A 93 19.65 -8.63 -8.37
CA LEU A 93 20.25 -7.30 -8.34
C LEU A 93 21.74 -7.40 -8.60
N LEU A 94 22.22 -6.63 -9.58
CA LEU A 94 23.63 -6.65 -9.95
C LEU A 94 24.25 -5.26 -9.87
N GLU A 95 24.92 -4.99 -8.76
CA GLU A 95 25.62 -3.73 -8.54
C GLU A 95 27.07 -4.03 -8.19
N GLY A 96 27.99 -3.63 -9.07
CA GLY A 96 29.40 -3.93 -8.89
C GLY A 96 29.78 -5.22 -9.61
N ARG A 97 30.99 -5.25 -10.14
CA ARG A 97 31.46 -6.39 -10.92
C ARG A 97 31.60 -7.65 -10.06
N LYS A 98 31.12 -8.77 -10.58
CA LYS A 98 31.17 -10.04 -9.85
C LYS A 98 31.07 -11.22 -10.82
N ILE A 99 31.38 -12.41 -10.31
CA ILE A 99 31.12 -13.65 -11.03
C ILE A 99 29.89 -14.27 -10.38
N LEU A 100 28.89 -14.61 -11.18
CA LEU A 100 27.66 -15.19 -10.65
C LEU A 100 27.84 -16.70 -10.51
N VAL A 101 27.56 -17.21 -9.31
CA VAL A 101 27.84 -18.60 -9.00
C VAL A 101 26.63 -19.30 -8.39
N SER A 102 26.49 -20.60 -8.70
CA SER A 102 25.48 -21.45 -8.09
C SER A 102 26.15 -22.71 -7.56
N ASP A 103 26.28 -22.78 -6.24
CA ASP A 103 26.95 -23.89 -5.57
C ASP A 103 28.36 -24.11 -6.12
N GLY A 104 29.15 -23.05 -6.11
CA GLY A 104 30.54 -23.13 -6.52
C GLY A 104 30.76 -23.07 -8.02
N PHE A 105 29.70 -23.34 -8.78
CA PHE A 105 29.79 -23.35 -10.25
C PHE A 105 29.49 -21.98 -10.83
N THR A 106 30.33 -21.54 -11.77
CA THR A 106 30.15 -20.26 -12.42
C THR A 106 28.93 -20.27 -13.33
N VAL A 107 27.99 -19.37 -13.05
CA VAL A 107 26.75 -19.27 -13.81
C VAL A 107 26.88 -18.23 -14.92
N GLY A 108 27.54 -17.11 -14.60
CA GLY A 108 27.72 -16.05 -15.57
C GLY A 108 28.73 -15.02 -15.10
N TYR A 109 29.06 -14.08 -15.99
CA TYR A 109 30.02 -13.02 -15.69
C TYR A 109 29.35 -11.67 -15.77
N PHE A 110 29.56 -10.85 -14.75
CA PHE A 110 29.02 -9.49 -14.72
C PHE A 110 30.17 -8.49 -14.73
N PHE A 111 30.44 -7.93 -15.92
CA PHE A 111 31.55 -7.01 -16.12
C PHE A 111 31.06 -5.57 -16.20
N GLY A 112 31.94 -4.63 -15.88
CA GLY A 112 31.66 -3.22 -15.99
C GLY A 112 31.73 -2.77 -17.45
N GLY A 113 31.34 -1.53 -17.69
CA GLY A 113 31.37 -0.98 -19.04
C GLY A 113 32.77 -0.95 -19.62
N ASP A 114 33.77 -0.99 -18.77
CA ASP A 114 35.17 -0.93 -19.21
C ASP A 114 35.58 -2.22 -19.94
N PHE A 115 34.68 -3.20 -19.97
CA PHE A 115 34.91 -4.42 -20.74
C PHE A 115 35.08 -4.09 -22.21
N ARG A 116 34.51 -2.96 -22.63
CA ARG A 116 34.66 -2.47 -24.00
C ARG A 116 36.12 -2.22 -24.34
N THR A 117 36.90 -1.79 -23.34
CA THR A 117 38.29 -1.43 -23.58
C THR A 117 39.19 -2.66 -23.71
N VAL A 118 38.61 -3.84 -23.52
CA VAL A 118 39.38 -5.09 -23.53
C VAL A 118 38.94 -6.05 -24.65
N PHE A 119 37.68 -5.98 -25.03
CA PHE A 119 37.12 -6.93 -26.01
C PHE A 119 37.85 -6.84 -27.35
N ASP A 120 38.28 -8.01 -27.86
CA ASP A 120 39.10 -8.09 -29.06
C ASP A 120 38.45 -8.89 -30.20
N GLY A 121 37.15 -9.12 -30.10
CA GLY A 121 36.42 -9.86 -31.13
C GLY A 121 36.39 -11.35 -30.89
N ASN A 122 37.19 -11.82 -29.94
CA ASN A 122 37.19 -13.22 -29.54
C ASN A 122 36.74 -13.35 -28.09
N LEU A 123 35.62 -14.02 -27.86
CA LEU A 123 34.99 -14.07 -26.56
C LEU A 123 35.87 -14.73 -25.49
N GLN A 124 36.34 -15.95 -25.77
CA GLN A 124 37.21 -16.66 -24.83
C GLN A 124 38.43 -15.83 -24.44
N SER A 125 39.13 -15.33 -25.44
CA SER A 125 40.32 -14.51 -25.22
C SER A 125 39.99 -13.25 -24.41
N SER A 126 38.91 -12.58 -24.80
CA SER A 126 38.52 -11.32 -24.18
C SER A 126 38.14 -11.50 -22.71
N ILE A 127 37.44 -12.59 -22.42
CA ILE A 127 37.06 -12.90 -21.04
C ILE A 127 38.31 -13.24 -20.24
N GLU A 128 39.19 -14.03 -20.82
CA GLU A 128 40.46 -14.38 -20.19
C GLU A 128 41.25 -13.13 -19.85
N LYS A 129 41.30 -12.20 -20.80
CA LYS A 129 42.01 -10.94 -20.61
C LYS A 129 41.42 -10.13 -19.46
N TYR A 130 40.10 -9.93 -19.51
CA TYR A 130 39.42 -9.11 -18.54
C TYR A 130 39.49 -9.70 -17.13
N LEU A 131 39.43 -11.03 -17.05
CA LEU A 131 39.49 -11.71 -15.76
C LEU A 131 40.88 -11.59 -15.14
N SER A 132 41.91 -11.58 -15.98
CA SER A 132 43.28 -11.46 -15.49
C SER A 132 43.58 -10.04 -15.04
N LEU A 133 42.91 -9.07 -15.66
CA LEU A 133 43.08 -7.67 -15.30
C LEU A 133 42.34 -7.31 -14.01
N ASN A 134 41.45 -8.19 -13.58
CA ASN A 134 40.62 -7.93 -12.40
C ASN A 134 40.75 -9.04 -11.36
N ASN A 135 40.10 -8.84 -10.22
CA ASN A 135 40.01 -9.86 -9.18
C ASN A 135 38.57 -9.95 -8.70
N LEU A 136 37.72 -10.55 -9.53
CA LEU A 136 36.28 -10.57 -9.30
C LEU A 136 35.88 -11.39 -8.08
N GLU A 137 35.08 -10.79 -7.20
CA GLU A 137 34.48 -11.49 -6.07
C GLU A 137 33.34 -12.37 -6.57
N SER A 138 33.06 -13.45 -5.84
CA SER A 138 31.97 -14.34 -6.18
C SER A 138 30.65 -13.87 -5.58
N TYR A 139 29.55 -14.14 -6.27
CA TYR A 139 28.22 -13.72 -5.83
C TYR A 139 27.21 -14.84 -6.08
N GLU A 140 26.61 -15.33 -5.00
CA GLU A 140 25.72 -16.48 -5.06
C GLU A 140 24.32 -16.10 -5.56
N ILE A 141 23.82 -16.85 -6.53
CA ILE A 141 22.45 -16.70 -6.99
C ILE A 141 21.78 -18.07 -7.11
N TRP A 142 20.46 -18.11 -6.89
CA TRP A 142 19.72 -19.36 -7.02
C TRP A 142 19.50 -19.69 -8.49
N ALA A 143 20.14 -20.75 -8.95
CA ALA A 143 20.02 -21.17 -10.34
C ALA A 143 20.47 -22.62 -10.49
N ILE A 144 20.05 -23.26 -11.58
CA ILE A 144 20.46 -24.62 -11.89
C ILE A 144 21.00 -24.70 -13.32
N LYS A 145 22.22 -25.21 -13.45
CA LYS A 145 22.81 -25.43 -14.76
C LYS A 145 22.07 -26.55 -15.47
N LEU A 146 21.71 -26.33 -16.72
CA LEU A 146 20.80 -27.22 -17.44
C LEU A 146 21.51 -28.31 -18.26
N SER A 147 20.94 -29.50 -18.23
CA SER A 147 21.41 -30.62 -19.05
C SER A 147 20.20 -31.37 -19.62
N ASN A 148 20.44 -32.31 -20.54
CA ASN A 148 19.36 -33.06 -21.15
C ASN A 148 18.68 -34.06 -20.22
N ASP A 149 19.32 -34.36 -19.09
CA ASP A 149 18.82 -35.38 -18.18
C ASP A 149 18.16 -34.78 -16.93
N ASN A 150 18.64 -33.62 -16.49
CA ASN A 150 18.19 -33.03 -15.23
C ASN A 150 17.04 -32.03 -15.37
N LEU A 151 16.26 -32.16 -16.44
CA LEU A 151 15.14 -31.25 -16.67
C LEU A 151 14.01 -31.52 -15.68
N LYS A 152 13.89 -32.77 -15.25
CA LYS A 152 12.91 -33.13 -14.23
C LYS A 152 13.28 -32.43 -12.93
N THR A 153 14.57 -32.31 -12.67
CA THR A 153 15.07 -31.64 -11.48
C THR A 153 14.79 -30.13 -11.55
N ALA A 154 14.95 -29.57 -12.74
CA ALA A 154 14.71 -28.14 -12.95
C ALA A 154 13.24 -27.78 -12.77
N GLU A 155 12.36 -28.68 -13.19
CA GLU A 155 10.92 -28.48 -13.04
C GLU A 155 10.53 -28.37 -11.57
N LYS A 156 11.02 -29.30 -10.77
CA LYS A 156 10.71 -29.32 -9.33
C LYS A 156 11.26 -28.09 -8.64
N LEU A 157 12.47 -27.70 -9.01
CA LEU A 157 13.09 -26.51 -8.42
C LEU A 157 12.37 -25.24 -8.82
N LEU A 158 11.92 -25.18 -10.07
CA LEU A 158 11.19 -24.01 -10.56
C LEU A 158 9.84 -23.89 -9.85
N LEU A 159 9.17 -25.02 -9.67
CA LEU A 159 7.88 -25.03 -8.97
C LEU A 159 8.06 -24.58 -7.52
N SER A 160 9.11 -25.07 -6.89
CA SER A 160 9.38 -24.76 -5.49
C SER A 160 9.74 -23.28 -5.31
N SER A 161 10.18 -22.64 -6.38
CA SER A 161 10.57 -21.23 -6.30
C SER A 161 9.36 -20.30 -6.38
N LEU A 162 8.19 -20.87 -6.68
CA LEU A 162 6.98 -20.05 -6.82
C LEU A 162 6.35 -19.72 -5.47
N ILE A 163 6.64 -20.54 -4.46
CA ILE A 163 6.06 -20.36 -3.13
C ILE A 163 6.96 -19.50 -2.24
N TYR A 175 5.45 -14.97 2.54
CA TYR A 175 4.62 -14.58 3.67
C TYR A 175 3.53 -15.62 3.94
N ASP A 176 3.70 -16.82 3.39
CA ASP A 176 2.74 -17.90 3.59
C ASP A 176 2.73 -18.36 5.04
N GLY A 177 1.54 -18.68 5.55
CA GLY A 177 1.42 -19.27 6.86
C GLY A 177 1.87 -20.71 6.79
N TRP A 178 1.95 -21.39 7.93
CA TRP A 178 2.47 -22.75 7.97
C TRP A 178 1.57 -23.72 7.18
N ILE A 179 0.26 -23.58 7.35
CA ILE A 179 -0.69 -24.43 6.65
C ILE A 179 -0.56 -24.25 5.14
N ALA A 180 -0.49 -23.00 4.71
CA ALA A 180 -0.35 -22.72 3.29
C ALA A 180 0.90 -23.38 2.73
N ARG A 181 2.03 -23.07 3.36
CA ARG A 181 3.34 -23.49 2.85
C ARG A 181 3.56 -25.00 2.88
N GLU A 182 3.21 -25.64 3.99
CA GLU A 182 3.59 -27.04 4.22
C GLU A 182 2.50 -28.03 3.80
N ILE A 183 1.26 -27.55 3.65
CA ILE A 183 0.14 -28.40 3.27
C ILE A 183 -0.43 -27.98 1.91
N ASN A 184 -1.01 -26.79 1.86
CA ASN A 184 -1.73 -26.34 0.67
C ASN A 184 -0.84 -26.19 -0.57
N ARG A 185 0.36 -25.66 -0.39
CA ARG A 185 1.27 -25.47 -1.52
C ARG A 185 1.63 -26.81 -2.17
N LYS A 186 1.67 -27.86 -1.36
CA LYS A 186 2.00 -29.20 -1.85
C LYS A 186 1.00 -29.64 -2.91
N VAL A 187 -0.27 -29.28 -2.70
CA VAL A 187 -1.33 -29.67 -3.63
C VAL A 187 -1.43 -28.71 -4.81
N SER A 188 -1.36 -27.41 -4.51
CA SER A 188 -1.59 -26.39 -5.53
C SER A 188 -0.52 -26.42 -6.62
N LEU A 189 0.73 -26.62 -6.21
CA LEU A 189 1.83 -26.71 -7.16
C LEU A 189 1.62 -27.85 -8.15
N ARG A 190 1.04 -28.94 -7.68
CA ARG A 190 0.74 -30.07 -8.56
C ARG A 190 -0.35 -29.71 -9.56
N ILE A 191 -1.27 -28.84 -9.13
CA ILE A 191 -2.35 -28.39 -10.01
C ILE A 191 -1.82 -27.34 -10.98
N SER A 192 -1.01 -26.43 -10.48
CA SER A 192 -0.45 -25.36 -11.31
C SER A 192 0.48 -25.94 -12.38
N ARG A 193 1.13 -27.04 -12.04
CA ARG A 193 1.97 -27.77 -12.98
C ARG A 193 1.18 -28.19 -14.21
N LEU A 194 -0.05 -28.66 -13.98
CA LEU A 194 -0.93 -29.07 -15.07
C LEU A 194 -1.51 -27.86 -15.80
N LEU A 195 -1.71 -26.77 -15.07
CA LEU A 195 -2.27 -25.55 -15.64
C LEU A 195 -1.24 -24.80 -16.49
N ALA A 196 0.04 -25.01 -16.17
CA ALA A 196 1.12 -24.33 -16.88
C ALA A 196 1.08 -24.61 -18.39
N ASP A 197 0.64 -25.81 -18.75
CA ASP A 197 0.62 -26.24 -20.15
C ASP A 197 -0.64 -25.74 -20.88
N THR A 198 -1.42 -24.91 -20.21
CA THR A 198 -2.67 -24.38 -20.79
C THR A 198 -2.57 -22.87 -21.00
N SER A 199 -3.65 -22.30 -21.53
CA SER A 199 -3.72 -20.85 -21.77
C SER A 199 -4.42 -20.15 -20.61
N VAL A 200 -4.64 -20.88 -19.52
CA VAL A 200 -5.33 -20.34 -18.35
C VAL A 200 -4.54 -19.20 -17.72
N THR A 201 -5.23 -18.10 -17.44
CA THR A 201 -4.61 -16.92 -16.85
C THR A 201 -4.81 -16.89 -15.34
N PRO A 202 -3.96 -16.16 -14.62
CA PRO A 202 -4.11 -16.00 -13.16
C PRO A 202 -5.47 -15.44 -12.77
N ASN A 203 -5.95 -14.44 -13.50
CA ASN A 203 -7.23 -13.81 -13.19
C ASN A 203 -8.38 -14.80 -13.27
N GLN A 204 -8.31 -15.70 -14.25
CA GLN A 204 -9.32 -16.73 -14.42
C GLN A 204 -9.34 -17.68 -13.21
N ILE A 205 -8.16 -18.01 -12.70
CA ILE A 205 -8.07 -18.87 -11.53
C ILE A 205 -8.61 -18.16 -10.29
N THR A 206 -8.31 -16.86 -10.19
CA THR A 206 -8.79 -16.06 -9.06
C THR A 206 -10.32 -16.01 -9.03
N VAL A 207 -10.92 -15.74 -10.18
CA VAL A 207 -12.37 -15.67 -10.27
C VAL A 207 -12.99 -17.06 -10.08
N PHE A 208 -12.35 -18.08 -10.64
CA PHE A 208 -12.83 -19.45 -10.50
C PHE A 208 -12.75 -19.87 -9.03
N SER A 209 -11.65 -19.48 -8.37
CA SER A 209 -11.48 -19.78 -6.96
C SER A 209 -12.59 -19.10 -6.15
N PHE A 210 -12.92 -17.87 -6.52
CA PHE A 210 -13.99 -17.13 -5.87
C PHE A 210 -15.31 -17.86 -6.05
N PHE A 211 -15.52 -18.43 -7.24
CA PHE A 211 -16.74 -19.18 -7.53
C PHE A 211 -16.88 -20.41 -6.63
N LEU A 212 -15.77 -21.07 -6.34
CA LEU A 212 -15.80 -22.25 -5.47
C LEU A 212 -16.27 -21.89 -4.08
N SER A 213 -15.87 -20.73 -3.60
CA SER A 213 -16.26 -20.28 -2.26
C SER A 213 -17.76 -20.03 -2.18
N LEU A 214 -18.37 -19.63 -3.29
CA LEU A 214 -19.81 -19.43 -3.34
C LEU A 214 -20.54 -20.77 -3.33
N VAL A 215 -19.97 -21.75 -4.02
CA VAL A 215 -20.53 -23.09 -4.03
C VAL A 215 -20.50 -23.66 -2.61
N GLY A 216 -19.38 -23.46 -1.92
CA GLY A 216 -19.25 -23.89 -0.55
C GLY A 216 -20.25 -23.20 0.35
N SER A 217 -20.44 -21.91 0.12
CA SER A 217 -21.39 -21.11 0.90
C SER A 217 -22.83 -21.58 0.66
N ALA A 218 -23.15 -21.88 -0.60
CA ALA A 218 -24.48 -22.36 -0.96
C ALA A 218 -24.77 -23.70 -0.29
N LEU A 219 -23.74 -24.54 -0.18
CA LEU A 219 -23.91 -25.85 0.44
C LEU A 219 -24.18 -25.72 1.94
N PHE A 220 -23.57 -24.72 2.57
CA PHE A 220 -23.83 -24.45 3.97
C PHE A 220 -25.31 -24.10 4.18
N LEU A 221 -25.89 -23.39 3.21
CA LEU A 221 -27.25 -22.91 3.34
C LEU A 221 -28.28 -24.03 3.29
N LEU A 222 -27.90 -25.19 2.77
CA LEU A 222 -28.83 -26.30 2.63
C LEU A 222 -29.08 -27.00 3.96
N ASN A 223 -28.27 -26.67 4.97
CA ASN A 223 -28.51 -27.08 6.34
C ASN A 223 -28.68 -28.60 6.51
N SER A 224 -27.62 -29.34 6.20
CA SER A 224 -27.56 -30.77 6.48
C SER A 224 -26.11 -31.15 6.66
N TYR A 225 -25.85 -32.23 7.42
CA TYR A 225 -24.47 -32.64 7.67
C TYR A 225 -23.71 -32.91 6.39
N LEU A 226 -24.33 -33.66 5.49
CA LEU A 226 -23.72 -34.00 4.21
C LEU A 226 -23.28 -32.75 3.48
N THR A 227 -24.20 -31.81 3.31
CA THR A 227 -23.90 -30.58 2.58
C THR A 227 -22.92 -29.70 3.36
N THR A 228 -22.98 -29.78 4.69
CA THR A 228 -22.02 -29.05 5.53
C THR A 228 -20.64 -29.67 5.36
N LEU A 229 -20.59 -30.99 5.27
CA LEU A 229 -19.32 -31.70 5.06
C LEU A 229 -18.77 -31.37 3.69
N LEU A 230 -19.62 -31.42 2.67
CA LEU A 230 -19.22 -31.09 1.32
C LEU A 230 -18.78 -29.64 1.24
N ALA A 231 -19.46 -28.78 2.00
CA ALA A 231 -19.12 -27.37 2.03
C ALA A 231 -17.69 -27.16 2.53
N GLY A 232 -17.39 -27.79 3.66
CA GLY A 232 -16.07 -27.68 4.25
C GLY A 232 -14.97 -28.12 3.31
N VAL A 233 -15.20 -29.22 2.60
CA VAL A 233 -14.24 -29.73 1.63
C VAL A 233 -13.97 -28.70 0.53
N ILE A 234 -15.03 -28.09 0.02
CA ILE A 234 -14.91 -27.12 -1.06
C ILE A 234 -14.23 -25.84 -0.56
N ILE A 235 -14.47 -25.49 0.70
CA ILE A 235 -13.79 -24.33 1.28
C ILE A 235 -12.29 -24.59 1.34
N GLN A 236 -11.91 -25.83 1.65
CA GLN A 236 -10.50 -26.19 1.72
C GLN A 236 -9.91 -26.27 0.32
N LEU A 237 -10.67 -26.83 -0.62
CA LEU A 237 -10.27 -26.87 -2.02
C LEU A 237 -10.07 -25.44 -2.54
N HIS A 238 -11.01 -24.58 -2.18
CA HIS A 238 -10.93 -23.16 -2.50
C HIS A 238 -9.65 -22.54 -1.92
N SER A 239 -9.34 -22.90 -0.68
CA SER A 239 -8.13 -22.42 -0.02
C SER A 239 -6.87 -22.83 -0.77
N ILE A 240 -6.86 -24.07 -1.26
CA ILE A 240 -5.72 -24.60 -1.99
C ILE A 240 -5.58 -23.93 -3.35
N ILE A 241 -6.68 -23.89 -4.09
CA ILE A 241 -6.67 -23.36 -5.45
C ILE A 241 -6.39 -21.85 -5.44
N ASP A 242 -6.71 -21.19 -4.34
CA ASP A 242 -6.45 -19.76 -4.20
C ASP A 242 -4.94 -19.46 -4.18
N GLY A 243 -4.13 -20.51 -4.16
CA GLY A 243 -2.69 -20.37 -4.27
C GLY A 243 -2.19 -20.48 -5.71
N CYS A 244 -3.02 -21.08 -6.56
CA CYS A 244 -2.62 -21.37 -7.94
C CYS A 244 -2.53 -20.12 -8.80
N ASP A 245 -3.37 -19.12 -8.53
CA ASP A 245 -3.36 -17.90 -9.31
C ASP A 245 -2.02 -17.18 -9.17
N GLY A 246 -1.49 -17.15 -7.95
CA GLY A 246 -0.20 -16.55 -7.69
C GLY A 246 0.94 -17.38 -8.26
N GLU A 247 0.81 -18.69 -8.17
CA GLU A 247 1.81 -19.62 -8.69
C GLU A 247 1.93 -19.50 -10.21
N ILE A 248 0.80 -19.57 -10.90
CA ILE A 248 0.78 -19.46 -12.35
C ILE A 248 1.25 -18.08 -12.81
N ALA A 249 0.91 -17.05 -12.04
CA ALA A 249 1.31 -15.69 -12.38
C ALA A 249 2.83 -15.56 -12.38
N ARG A 250 3.45 -16.06 -11.32
CA ARG A 250 4.90 -16.02 -11.20
C ARG A 250 5.57 -17.01 -12.15
N LEU A 251 4.93 -18.16 -12.36
CA LEU A 251 5.49 -19.21 -13.19
C LEU A 251 5.61 -18.79 -14.66
N LYS A 252 4.67 -17.99 -15.12
CA LYS A 252 4.57 -17.63 -16.53
C LYS A 252 4.76 -16.13 -16.76
N PHE A 253 5.26 -15.44 -15.73
CA PHE A 253 5.51 -14.01 -15.79
C PHE A 253 4.27 -13.21 -16.18
N MET A 254 3.14 -13.59 -15.58
CA MET A 254 1.86 -12.92 -15.84
C MET A 254 1.33 -12.20 -14.60
N GLU A 255 2.25 -11.71 -13.75
CA GLU A 255 1.85 -10.93 -12.60
C GLU A 255 1.28 -9.59 -13.04
N SER A 256 0.32 -9.07 -12.29
CA SER A 256 -0.28 -7.78 -12.59
C SER A 256 -0.77 -7.12 -11.31
N LYS A 257 -0.83 -5.79 -11.32
CA LYS A 257 -1.31 -5.03 -10.18
C LYS A 257 -2.79 -5.31 -9.91
N TYR A 258 -3.59 -5.32 -10.98
CA TYR A 258 -5.02 -5.59 -10.86
C TYR A 258 -5.26 -7.00 -10.33
N GLY A 259 -4.45 -7.94 -10.79
CA GLY A 259 -4.55 -9.32 -10.34
C GLY A 259 -4.32 -9.43 -8.85
N ALA A 260 -3.29 -8.74 -8.36
CA ALA A 260 -2.97 -8.72 -6.94
C ALA A 260 -4.09 -8.06 -6.14
N TRP A 261 -4.65 -7.00 -6.72
CA TRP A 261 -5.75 -6.29 -6.10
C TRP A 261 -6.98 -7.19 -6.02
N LEU A 262 -7.34 -7.79 -7.16
CA LEU A 262 -8.51 -8.64 -7.26
C LEU A 262 -8.39 -9.87 -6.36
N ASP A 263 -7.20 -10.46 -6.34
CA ASP A 263 -6.93 -11.65 -5.55
C ASP A 263 -7.31 -11.42 -4.09
N GLY A 264 -6.94 -10.26 -3.57
CA GLY A 264 -7.26 -9.89 -2.19
C GLY A 264 -8.72 -9.52 -2.00
N VAL A 265 -9.25 -8.67 -2.87
CA VAL A 265 -10.62 -8.17 -2.72
C VAL A 265 -11.65 -9.29 -2.72
N LEU A 266 -11.53 -10.23 -3.65
CA LEU A 266 -12.48 -11.33 -3.74
C LEU A 266 -12.36 -12.27 -2.55
N ASP A 267 -11.16 -12.34 -1.97
CA ASP A 267 -10.95 -13.16 -0.78
C ASP A 267 -11.69 -12.55 0.41
N ARG A 268 -11.86 -11.24 0.41
CA ARG A 268 -12.66 -10.57 1.43
C ARG A 268 -14.13 -10.91 1.23
N TYR A 269 -14.56 -10.90 -0.04
CA TYR A 269 -15.91 -11.31 -0.38
C TYR A 269 -16.18 -12.76 0.02
N SER A 270 -15.22 -13.63 -0.28
CA SER A 270 -15.35 -15.05 0.05
C SER A 270 -15.47 -15.25 1.56
N ASP A 271 -14.58 -14.61 2.31
CA ASP A 271 -14.59 -14.74 3.77
C ASP A 271 -15.90 -14.27 4.36
N PHE A 272 -16.42 -13.15 3.85
CA PHE A 272 -17.67 -12.59 4.36
C PHE A 272 -18.86 -13.49 4.05
N ILE A 273 -18.94 -13.95 2.80
CA ILE A 273 -20.07 -14.75 2.36
C ILE A 273 -20.09 -16.12 3.04
N ILE A 274 -18.91 -16.70 3.26
CA ILE A 274 -18.83 -17.99 3.95
C ILE A 274 -19.34 -17.86 5.37
N VAL A 275 -18.84 -16.88 6.10
CA VAL A 275 -19.21 -16.67 7.49
C VAL A 275 -20.68 -16.27 7.63
N PHE A 276 -21.14 -15.45 6.68
CA PHE A 276 -22.53 -15.00 6.67
C PHE A 276 -23.45 -16.21 6.49
N SER A 277 -23.07 -17.10 5.56
CA SER A 277 -23.86 -18.29 5.26
C SER A 277 -23.97 -19.23 6.45
N ILE A 278 -22.88 -19.42 7.18
CA ILE A 278 -22.88 -20.28 8.35
C ILE A 278 -23.72 -19.65 9.46
N THR A 279 -23.56 -18.33 9.63
CA THR A 279 -24.27 -17.61 10.66
C THR A 279 -25.78 -17.62 10.42
N TYR A 280 -26.17 -17.43 9.17
CA TYR A 280 -27.59 -17.39 8.81
C TYR A 280 -28.31 -18.68 9.18
N VAL A 281 -27.70 -19.82 8.87
CA VAL A 281 -28.28 -21.11 9.22
C VAL A 281 -28.32 -21.30 10.73
N LEU A 282 -27.21 -20.98 11.40
CA LEU A 282 -27.11 -21.17 12.84
C LEU A 282 -28.04 -20.25 13.61
N SER A 283 -28.37 -19.11 13.03
CA SER A 283 -29.25 -18.14 13.68
C SER A 283 -30.65 -18.69 13.89
N ALA A 284 -31.01 -19.68 13.07
CA ALA A 284 -32.32 -20.32 13.19
C ALA A 284 -32.44 -21.10 14.48
N SER A 285 -31.31 -21.62 14.97
CA SER A 285 -31.27 -22.37 16.21
C SER A 285 -31.11 -21.42 17.40
N ASN A 286 -30.08 -20.57 17.32
CA ASN A 286 -29.81 -19.59 18.38
C ASN A 286 -29.42 -18.24 17.77
N PRO A 287 -30.27 -17.21 17.94
CA PRO A 287 -29.96 -15.90 17.36
C PRO A 287 -28.67 -15.28 17.89
N VAL A 288 -28.14 -15.81 18.98
CA VAL A 288 -26.90 -15.30 19.57
C VAL A 288 -25.74 -15.44 18.57
N TYR A 289 -25.86 -16.39 17.66
CA TYR A 289 -24.80 -16.65 16.69
C TYR A 289 -24.61 -15.49 15.71
N TRP A 290 -25.63 -14.62 15.62
CA TRP A 290 -25.49 -13.39 14.85
C TRP A 290 -24.31 -12.57 15.35
N ILE A 291 -24.19 -12.51 16.68
CA ILE A 291 -23.12 -11.74 17.31
C ILE A 291 -21.77 -12.38 17.04
N ILE A 292 -21.70 -13.69 17.19
CA ILE A 292 -20.46 -14.43 16.96
C ILE A 292 -20.07 -14.36 15.49
N GLY A 293 -21.08 -14.43 14.62
CA GLY A 293 -20.86 -14.29 13.19
C GLY A 293 -20.31 -12.93 12.82
N PHE A 294 -20.94 -11.88 13.34
CA PHE A 294 -20.49 -10.51 13.13
C PHE A 294 -19.02 -10.35 13.54
N LEU A 295 -18.67 -10.91 14.70
CA LEU A 295 -17.32 -10.81 15.22
C LEU A 295 -16.34 -11.64 14.41
N ALA A 296 -16.80 -12.79 13.91
CA ALA A 296 -15.95 -13.66 13.09
C ALA A 296 -15.68 -13.05 11.72
N ALA A 297 -16.72 -12.49 11.12
CA ALA A 297 -16.59 -11.83 9.82
C ALA A 297 -15.64 -10.65 9.94
N PHE A 298 -15.87 -9.83 10.96
CA PHE A 298 -15.04 -8.67 11.22
C PHE A 298 -13.59 -9.06 11.43
N ALA A 299 -13.36 -10.11 12.20
CA ALA A 299 -12.01 -10.59 12.46
C ALA A 299 -11.30 -10.97 11.17
N SER A 300 -11.97 -11.77 10.34
CA SER A 300 -11.40 -12.22 9.08
C SER A 300 -10.99 -11.05 8.21
N LEU A 301 -11.85 -10.03 8.13
CA LEU A 301 -11.59 -8.86 7.32
C LEU A 301 -10.44 -8.02 7.87
N MET A 302 -10.35 -7.93 9.19
CA MET A 302 -9.34 -7.08 9.83
C MET A 302 -7.95 -7.70 9.80
N ILE A 303 -7.87 -9.03 9.83
CA ILE A 303 -6.58 -9.70 9.70
C ILE A 303 -5.99 -9.35 8.34
N ALA A 304 -6.86 -9.30 7.32
CA ALA A 304 -6.44 -8.91 5.99
C ALA A 304 -6.13 -7.43 5.93
N TYR A 305 -7.01 -6.62 6.51
CA TYR A 305 -6.89 -5.17 6.41
C TYR A 305 -5.65 -4.66 7.14
N THR A 306 -5.38 -5.20 8.33
CA THR A 306 -4.21 -4.79 9.11
C THR A 306 -2.94 -5.05 8.31
N GLY A 307 -2.91 -6.17 7.59
CA GLY A 307 -1.76 -6.53 6.78
C GLY A 307 -1.59 -5.65 5.56
N ASP A 308 -2.69 -5.40 4.85
CA ASP A 308 -2.63 -4.60 3.62
C ASP A 308 -2.46 -3.13 3.94
N LYS A 309 -3.00 -2.70 5.08
CA LYS A 309 -2.84 -1.32 5.51
C LYS A 309 -1.40 -1.06 5.92
N PHE A 310 -0.75 -2.08 6.48
CA PHE A 310 0.66 -1.98 6.85
C PHE A 310 1.50 -1.73 5.60
N VAL A 311 1.25 -2.52 4.55
CA VAL A 311 1.94 -2.38 3.29
C VAL A 311 1.71 -0.99 2.70
N ALA A 312 0.49 -0.48 2.86
CA ALA A 312 0.13 0.82 2.32
C ALA A 312 0.88 1.94 3.03
N ALA A 313 1.10 1.77 4.33
CA ALA A 313 1.72 2.81 5.14
C ALA A 313 3.24 2.65 5.26
N TYR A 314 3.71 1.40 5.27
CA TYR A 314 5.14 1.12 5.47
C TYR A 314 5.87 0.74 4.18
N MET A 315 5.12 0.32 3.17
CA MET A 315 5.68 -0.09 1.89
C MET A 315 6.68 -1.25 2.04
N ARG A 316 6.40 -2.13 2.99
CA ARG A 316 7.10 -3.41 3.07
C ARG A 316 6.12 -4.50 3.46
N THR A 317 6.49 -5.75 3.20
CA THR A 317 5.64 -6.89 3.51
C THR A 317 5.37 -6.96 5.00
N TYR A 318 4.15 -7.30 5.37
CA TYR A 318 3.83 -7.54 6.78
C TYR A 318 4.30 -8.93 7.18
N SER A 319 5.11 -8.98 8.24
CA SER A 319 5.66 -10.24 8.72
C SER A 319 6.14 -10.09 10.16
N PRO A 320 5.39 -10.66 11.13
CA PRO A 320 5.82 -10.55 12.53
C PRO A 320 7.12 -11.32 12.78
N GLU A 321 7.99 -10.74 13.59
CA GLU A 321 9.31 -11.34 13.83
C GLU A 321 9.19 -12.60 14.67
N GLY A 322 8.39 -12.53 15.73
CA GLY A 322 8.22 -13.65 16.65
C GLY A 322 6.81 -14.19 16.68
N PHE A 323 6.24 -14.28 17.87
CA PHE A 323 4.92 -14.85 18.08
C PHE A 323 3.78 -14.11 17.38
N ALA A 324 2.89 -14.88 16.78
CA ALA A 324 1.64 -14.37 16.24
C ALA A 324 0.60 -15.48 16.30
N ILE A 325 -0.66 -15.15 16.56
CA ILE A 325 -1.69 -16.16 16.66
C ILE A 325 -1.96 -16.69 15.25
N PRO A 326 -1.90 -18.01 15.06
CA PRO A 326 -2.09 -18.56 13.72
C PRO A 326 -3.56 -18.52 13.28
N ILE A 327 -3.97 -17.39 12.70
CA ILE A 327 -5.34 -17.23 12.26
C ILE A 327 -5.36 -16.46 10.93
N THR A 328 -4.29 -16.61 10.16
CA THR A 328 -4.26 -16.12 8.79
C THR A 328 -5.24 -16.95 7.97
N ARG A 329 -5.48 -16.55 6.73
CA ARG A 329 -6.55 -17.14 5.93
C ARG A 329 -6.41 -18.64 5.78
N ASP A 330 -5.18 -19.12 5.62
CA ASP A 330 -4.93 -20.55 5.46
C ASP A 330 -5.42 -21.31 6.69
N PHE A 331 -5.24 -20.71 7.87
CA PHE A 331 -5.72 -21.30 9.11
C PHE A 331 -7.23 -21.17 9.25
N ARG A 332 -7.78 -20.00 8.94
CA ARG A 332 -9.20 -19.76 9.11
C ARG A 332 -10.04 -20.76 8.32
N LEU A 333 -9.62 -21.03 7.08
CA LEU A 333 -10.38 -21.92 6.21
C LEU A 333 -10.21 -23.38 6.60
N LEU A 334 -9.03 -23.74 7.11
CA LEU A 334 -8.81 -25.09 7.60
C LEU A 334 -9.66 -25.34 8.85
N ILE A 335 -9.79 -24.34 9.69
CA ILE A 335 -10.62 -24.43 10.89
C ILE A 335 -12.08 -24.62 10.49
N ILE A 336 -12.53 -23.90 9.48
CA ILE A 336 -13.90 -24.04 8.99
C ILE A 336 -14.10 -25.44 8.42
N PHE A 337 -13.09 -25.93 7.70
CA PHE A 337 -13.12 -27.27 7.14
C PHE A 337 -13.20 -28.32 8.25
N ALA A 338 -12.24 -28.27 9.17
CA ALA A 338 -12.15 -29.27 10.24
C ALA A 338 -13.41 -29.32 11.10
N CYS A 339 -13.97 -28.15 11.40
CA CYS A 339 -15.17 -28.08 12.22
C CYS A 339 -16.40 -28.56 11.45
N SER A 340 -16.37 -28.41 10.13
CA SER A 340 -17.50 -28.79 9.29
C SER A 340 -17.65 -30.31 9.15
N VAL A 341 -16.55 -31.06 9.16
CA VAL A 341 -16.63 -32.49 8.94
C VAL A 341 -17.23 -33.21 10.15
N VAL A 342 -17.21 -32.54 11.31
CA VAL A 342 -17.87 -33.05 12.50
C VAL A 342 -19.17 -32.29 12.78
N ASN A 343 -19.64 -31.56 11.77
CA ASN A 343 -20.92 -30.87 11.81
C ASN A 343 -21.00 -29.80 12.91
N LEU A 344 -19.90 -29.12 13.17
CA LEU A 344 -19.88 -28.03 14.15
C LEU A 344 -19.31 -26.74 13.56
N PRO A 345 -19.88 -26.26 12.45
CA PRO A 345 -19.41 -25.01 11.83
C PRO A 345 -19.50 -23.82 12.79
N SER A 346 -20.33 -23.95 13.82
CA SER A 346 -20.49 -22.91 14.83
C SER A 346 -19.20 -22.74 15.63
N LEU A 347 -18.50 -23.84 15.86
CA LEU A 347 -17.25 -23.81 16.61
C LEU A 347 -16.20 -23.01 15.86
N ALA A 348 -16.22 -23.09 14.53
CA ALA A 348 -15.28 -22.35 13.70
C ALA A 348 -15.48 -20.85 13.85
N LEU A 349 -16.73 -20.41 13.92
CA LEU A 349 -17.05 -19.01 14.11
C LEU A 349 -16.48 -18.49 15.44
N VAL A 350 -16.70 -19.27 16.49
CA VAL A 350 -16.21 -18.91 17.82
C VAL A 350 -14.68 -18.79 17.81
N ILE A 351 -14.03 -19.77 17.20
CA ILE A 351 -12.57 -19.80 17.15
C ILE A 351 -12.02 -18.63 16.35
N ILE A 352 -12.63 -18.38 15.19
CA ILE A 352 -12.18 -17.28 14.34
C ILE A 352 -12.45 -15.95 15.03
N ALA A 353 -13.61 -15.85 15.67
CA ALA A 353 -14.00 -14.64 16.39
C ALA A 353 -13.02 -14.35 17.53
N LEU A 354 -12.64 -15.38 18.27
CA LEU A 354 -11.75 -15.20 19.42
C LEU A 354 -10.30 -14.97 19.00
N LEU A 355 -9.71 -15.94 18.29
CA LEU A 355 -8.32 -15.82 17.86
C LEU A 355 -8.11 -14.63 16.93
N GLY A 356 -9.09 -14.40 16.07
CA GLY A 356 -9.00 -13.33 15.09
C GLY A 356 -8.97 -11.95 15.72
N ASN A 357 -9.88 -11.68 16.64
CA ASN A 357 -9.96 -10.36 17.27
C ASN A 357 -8.78 -10.10 18.19
N PHE A 358 -8.31 -11.13 18.89
CA PHE A 358 -7.16 -10.99 19.75
C PHE A 358 -5.89 -10.74 18.94
N GLU A 359 -5.79 -11.38 17.78
CA GLU A 359 -4.63 -11.19 16.90
C GLU A 359 -4.61 -9.78 16.33
N ALA A 360 -5.78 -9.28 15.96
CA ALA A 360 -5.91 -7.92 15.45
C ALA A 360 -5.45 -6.96 16.53
N LEU A 361 -5.96 -7.14 17.74
CA LEU A 361 -5.58 -6.34 18.89
C LEU A 361 -4.08 -6.46 19.18
N ARG A 362 -3.55 -7.68 19.04
CA ARG A 362 -2.13 -7.92 19.29
C ARG A 362 -1.27 -7.11 18.32
N ARG A 363 -1.72 -7.02 17.08
CA ARG A 363 -0.98 -6.28 16.05
C ARG A 363 -0.97 -4.79 16.34
N ILE A 364 -2.09 -4.28 16.85
CA ILE A 364 -2.17 -2.86 17.22
C ILE A 364 -1.14 -2.52 18.29
N VAL A 365 -1.04 -3.37 19.30
CA VAL A 365 -0.12 -3.13 20.41
C VAL A 365 1.33 -3.38 19.98
N ALA A 366 1.55 -4.44 19.21
CA ALA A 366 2.89 -4.84 18.80
C ALA A 366 3.54 -3.80 17.89
N LEU A 367 2.73 -3.13 17.08
CA LEU A 367 3.24 -2.17 16.11
C LEU A 367 3.68 -0.85 16.75
N ARG A 368 3.22 -0.59 17.98
CA ARG A 368 3.65 0.60 18.71
C ARG A 368 5.18 0.67 18.82
N SER A 369 5.83 -0.50 18.82
CA SER A 369 7.28 -0.60 18.97
C SER A 369 8.08 0.15 17.88
N TYR A 370 8.60 -0.59 16.90
CA TYR A 370 9.52 -0.02 15.92
C TYR A 370 8.80 0.39 14.62
N THR A 371 8.40 1.65 14.56
CA THR A 371 7.61 2.16 13.45
C THR A 371 7.89 3.65 13.23
N ASN A 372 6.86 4.42 12.84
CA ASN A 372 7.00 5.86 12.63
C ASN A 372 7.98 6.18 11.51
N MET B 29 24.58 15.60 -1.71
CA MET B 29 23.94 16.61 -0.82
C MET B 29 23.45 17.80 -1.64
N ARG B 30 22.28 18.32 -1.25
CA ARG B 30 21.72 19.51 -1.87
C ARG B 30 21.54 20.59 -0.81
N LEU B 31 21.97 21.81 -1.13
CA LEU B 31 21.98 22.91 -0.17
C LEU B 31 20.91 23.95 -0.44
N ALA B 32 20.17 24.29 0.60
CA ALA B 32 19.18 25.36 0.54
C ALA B 32 19.66 26.54 1.39
N TYR B 33 20.01 27.64 0.73
CA TYR B 33 20.46 28.85 1.41
C TYR B 33 19.31 29.81 1.67
N VAL B 34 19.04 30.06 2.94
CA VAL B 34 17.92 30.91 3.35
C VAL B 34 18.44 32.12 4.12
N LYS B 35 18.22 33.31 3.57
CA LYS B 35 18.66 34.54 4.22
C LYS B 35 17.87 34.78 5.50
N ASN B 36 18.57 35.15 6.57
CA ASN B 36 17.93 35.43 7.85
C ASN B 36 17.00 36.65 7.78
N HIS B 37 15.91 36.58 8.52
CA HIS B 37 15.00 37.71 8.69
C HIS B 37 14.38 37.66 10.08
N GLU B 38 14.11 38.82 10.66
CA GLU B 38 13.61 38.90 12.02
C GLU B 38 12.23 38.27 12.18
N ILE B 39 11.50 38.14 11.07
CA ILE B 39 10.13 37.63 11.12
C ILE B 39 10.10 36.11 11.24
N TYR B 40 11.19 35.45 10.84
CA TYR B 40 11.28 34.00 10.94
C TYR B 40 11.21 33.53 12.40
N GLY B 41 11.44 34.45 13.33
CA GLY B 41 11.43 34.13 14.75
C GLY B 41 10.02 34.07 15.33
N GLU B 42 9.04 34.59 14.61
CA GLU B 42 7.66 34.56 15.07
C GLU B 42 7.07 33.16 14.96
N LYS B 43 6.25 32.79 15.94
CA LYS B 43 5.63 31.46 15.97
C LYS B 43 4.28 31.48 15.25
N LEU B 44 4.12 30.53 14.33
CA LEU B 44 2.87 30.35 13.61
C LEU B 44 2.34 28.93 13.80
N LEU B 45 1.28 28.81 14.58
CA LEU B 45 0.64 27.53 14.87
C LEU B 45 1.63 26.51 15.44
N GLY B 46 2.31 26.90 16.50
CA GLY B 46 3.12 25.98 17.28
C GLY B 46 4.61 25.94 16.94
N LEU B 47 4.95 26.29 15.71
CA LEU B 47 6.35 26.26 15.25
C LEU B 47 6.77 27.64 14.75
N THR B 48 8.03 28.01 14.99
CA THR B 48 8.54 29.25 14.45
C THR B 48 8.62 29.11 12.93
N LEU B 49 8.46 30.22 12.22
CA LEU B 49 8.52 30.21 10.77
C LEU B 49 9.89 29.72 10.29
N ARG B 50 10.89 29.82 11.16
CA ARG B 50 12.22 29.33 10.86
C ARG B 50 12.27 27.80 10.76
N GLU B 51 11.67 27.09 11.71
CA GLU B 51 11.68 25.63 11.67
C GLU B 51 10.79 25.15 10.53
N ARG B 52 9.72 25.90 10.25
CA ARG B 52 8.78 25.51 9.21
C ARG B 52 9.45 25.46 7.84
N ILE B 53 10.20 26.49 7.49
CA ILE B 53 10.89 26.50 6.21
C ILE B 53 12.01 25.46 6.24
N GLU B 54 12.65 25.32 7.40
CA GLU B 54 13.74 24.35 7.56
C GLU B 54 13.24 22.92 7.31
N LYS B 55 12.14 22.56 7.96
CA LYS B 55 11.61 21.20 7.84
C LYS B 55 11.04 20.93 6.45
N THR B 56 10.38 21.92 5.86
CA THR B 56 9.82 21.75 4.51
C THR B 56 10.95 21.46 3.52
N LEU B 57 12.06 22.19 3.66
CA LEU B 57 13.18 22.01 2.76
C LEU B 57 13.91 20.70 3.05
N GLN B 58 13.96 20.32 4.32
CA GLN B 58 14.54 19.04 4.72
C GLN B 58 13.72 17.90 4.12
N ARG B 59 12.40 18.00 4.26
CA ARG B 59 11.48 17.06 3.62
C ARG B 59 11.76 16.96 2.13
N ALA B 60 12.06 18.11 1.52
CA ALA B 60 12.30 18.17 0.08
C ALA B 60 13.69 17.66 -0.28
N GLY B 61 14.46 17.27 0.73
CA GLY B 61 15.76 16.64 0.51
C GLY B 61 16.92 17.62 0.47
N PHE B 62 16.77 18.75 1.18
CA PHE B 62 17.81 19.76 1.25
C PHE B 62 18.41 19.88 2.64
N ASP B 63 19.74 20.00 2.70
CA ASP B 63 20.41 20.45 3.91
C ASP B 63 20.28 21.97 3.94
N VAL B 64 19.88 22.49 5.10
CA VAL B 64 19.52 23.91 5.21
C VAL B 64 20.67 24.72 5.79
N ARG B 65 20.88 25.90 5.21
CA ARG B 65 21.89 26.84 5.68
C ARG B 65 21.30 28.23 5.78
N PHE B 66 21.10 28.71 7.01
CA PHE B 66 20.69 30.08 7.24
C PHE B 66 21.93 30.98 7.22
N PHE B 67 21.80 32.17 6.64
CA PHE B 67 22.96 33.04 6.46
C PHE B 67 22.61 34.52 6.50
N ASP B 68 23.60 35.33 6.87
CA ASP B 68 23.53 36.77 6.71
C ASP B 68 24.37 37.15 5.50
N GLU B 69 25.65 36.79 5.53
CA GLU B 69 26.51 36.81 4.36
C GLU B 69 26.75 35.37 3.94
N LEU B 70 26.76 35.12 2.64
CA LEU B 70 26.81 33.75 2.13
C LEU B 70 28.21 33.28 1.78
N SER B 71 28.61 32.16 2.39
CA SER B 71 29.82 31.45 1.99
C SER B 71 29.40 30.13 1.37
N LEU B 72 29.88 29.87 0.16
CA LEU B 72 29.35 28.76 -0.64
C LEU B 72 30.09 27.45 -0.40
N GLU B 73 29.31 26.40 -0.12
CA GLU B 73 29.84 25.05 0.07
C GLU B 73 29.51 24.20 -1.15
N GLU B 74 30.24 23.11 -1.35
CA GLU B 74 30.01 22.24 -2.51
C GLU B 74 28.74 21.42 -2.35
N ALA B 75 28.00 21.28 -3.45
CA ALA B 75 26.76 20.52 -3.46
C ALA B 75 26.34 20.23 -4.90
N GLU B 76 25.39 19.32 -5.06
CA GLU B 76 24.90 18.95 -6.38
C GLU B 76 24.15 20.10 -7.04
N ASP B 77 23.32 20.78 -6.27
CA ASP B 77 22.56 21.93 -6.74
C ASP B 77 22.23 22.85 -5.57
N TYR B 78 21.77 24.06 -5.88
CA TYR B 78 21.54 25.09 -4.88
C TYR B 78 20.16 25.71 -4.95
N LEU B 79 19.52 25.83 -3.78
CA LEU B 79 18.28 26.58 -3.64
C LEU B 79 18.55 27.84 -2.81
N ILE B 80 18.21 29.00 -3.36
CA ILE B 80 18.46 30.26 -2.69
C ILE B 80 17.16 31.01 -2.43
N ILE B 81 16.94 31.35 -1.16
CA ILE B 81 15.74 32.07 -0.73
C ILE B 81 16.15 33.35 0.00
N LEU B 82 15.87 34.49 -0.63
CA LEU B 82 16.34 35.79 -0.14
C LEU B 82 15.31 36.50 0.73
N GLU B 83 14.04 36.44 0.33
CA GLU B 83 12.96 37.11 1.03
C GLU B 83 12.22 36.14 1.95
N PRO B 84 11.72 36.63 3.09
CA PRO B 84 11.01 35.75 4.03
C PRO B 84 9.73 35.16 3.42
N VAL B 85 9.59 33.84 3.49
CA VAL B 85 8.45 33.16 2.86
C VAL B 85 7.99 31.97 3.70
N LEU B 86 6.69 31.70 3.63
CA LEU B 86 6.13 30.47 4.18
C LEU B 86 5.75 29.54 3.04
N ILE B 87 6.38 28.38 2.98
CA ILE B 87 6.09 27.41 1.94
C ILE B 87 4.91 26.56 2.38
N LEU B 88 3.90 26.48 1.50
CA LEU B 88 2.66 25.80 1.81
C LEU B 88 2.59 24.45 1.10
N GLU B 89 3.28 24.36 -0.03
CA GLU B 89 3.35 23.12 -0.80
C GLU B 89 3.96 21.99 0.04
N ARG B 90 3.48 20.77 -0.19
CA ARG B 90 3.81 19.64 0.68
C ARG B 90 4.82 18.68 0.05
N ASP B 91 4.67 18.44 -1.25
CA ASP B 91 5.55 17.50 -1.96
C ASP B 91 6.40 18.23 -2.99
N LEU B 92 7.15 19.23 -2.52
CA LEU B 92 7.97 20.04 -3.41
C LEU B 92 9.02 19.20 -4.12
N LEU B 93 9.08 19.35 -5.44
CA LEU B 93 10.05 18.64 -6.26
C LEU B 93 10.77 19.65 -7.17
N LEU B 94 12.10 19.61 -7.13
CA LEU B 94 12.92 20.55 -7.91
C LEU B 94 13.88 19.79 -8.82
N GLU B 95 13.49 19.65 -10.08
CA GLU B 95 14.33 18.99 -11.08
C GLU B 95 14.60 19.93 -12.25
N GLY B 96 15.87 20.32 -12.41
CA GLY B 96 16.27 21.28 -13.43
C GLY B 96 16.27 22.68 -12.86
N ARG B 97 17.24 23.49 -13.28
CA ARG B 97 17.36 24.85 -12.77
C ARG B 97 16.17 25.70 -13.19
N LYS B 98 15.64 26.47 -12.24
CA LYS B 98 14.46 27.31 -12.51
C LYS B 98 14.31 28.40 -11.46
N ILE B 99 13.43 29.35 -11.73
CA ILE B 99 13.04 30.36 -10.75
C ILE B 99 11.71 29.98 -10.14
N LEU B 100 11.67 29.92 -8.81
CA LEU B 100 10.46 29.58 -8.07
C LEU B 100 9.63 30.84 -7.83
N VAL B 101 8.35 30.77 -8.21
CA VAL B 101 7.48 31.94 -8.21
C VAL B 101 6.16 31.67 -7.48
N SER B 102 5.65 32.71 -6.81
CA SER B 102 4.33 32.65 -6.18
C SER B 102 3.50 33.84 -6.63
N ASP B 103 2.54 33.59 -7.52
CA ASP B 103 1.68 34.63 -8.08
C ASP B 103 2.49 35.78 -8.66
N GLY B 104 3.41 35.45 -9.57
CA GLY B 104 4.21 36.44 -10.25
C GLY B 104 5.42 36.93 -9.46
N PHE B 105 5.42 36.70 -8.15
CA PHE B 105 6.53 37.12 -7.30
C PHE B 105 7.58 36.04 -7.13
N THR B 106 8.85 36.42 -7.28
CA THR B 106 9.95 35.49 -7.13
C THR B 106 10.10 35.09 -5.67
N VAL B 107 10.01 33.78 -5.43
CA VAL B 107 10.12 33.24 -4.08
C VAL B 107 11.55 32.80 -3.79
N GLY B 108 12.19 32.18 -4.77
CA GLY B 108 13.55 31.71 -4.61
C GLY B 108 14.19 31.31 -5.92
N TYR B 109 15.48 31.01 -5.86
CA TYR B 109 16.25 30.60 -7.03
C TYR B 109 16.78 29.19 -6.87
N PHE B 110 16.56 28.37 -7.90
CA PHE B 110 17.08 27.00 -7.93
C PHE B 110 18.11 26.86 -9.03
N PHE B 111 19.39 26.92 -8.64
CA PHE B 111 20.50 26.88 -9.58
C PHE B 111 21.18 25.50 -9.61
N GLY B 112 21.84 25.20 -10.72
CA GLY B 112 22.59 23.97 -10.83
C GLY B 112 23.92 24.06 -10.09
N GLY B 113 24.62 22.93 -9.99
CA GLY B 113 25.90 22.90 -9.30
C GLY B 113 26.94 23.80 -9.94
N ASP B 114 26.76 24.10 -11.21
CA ASP B 114 27.71 24.94 -11.95
C ASP B 114 27.67 26.39 -11.47
N PHE B 115 26.75 26.71 -10.56
CA PHE B 115 26.71 28.02 -9.93
C PHE B 115 28.03 28.30 -9.22
N ARG B 116 28.73 27.23 -8.84
CA ARG B 116 30.04 27.35 -8.23
C ARG B 116 31.03 28.03 -9.18
N THR B 117 30.84 27.81 -10.48
CA THR B 117 31.75 28.35 -11.48
C THR B 117 31.52 29.84 -11.73
N VAL B 118 30.49 30.39 -11.09
CA VAL B 118 30.11 31.78 -11.30
C VAL B 118 30.23 32.60 -10.01
N PHE B 119 30.06 31.93 -8.87
CA PHE B 119 30.05 32.61 -7.58
C PHE B 119 31.37 33.32 -7.32
N ASP B 120 31.29 34.61 -6.98
CA ASP B 120 32.47 35.46 -6.82
C ASP B 120 32.61 36.02 -5.41
N GLY B 121 31.91 35.41 -4.46
CA GLY B 121 31.98 35.83 -3.07
C GLY B 121 30.94 36.87 -2.71
N ASN B 122 30.28 37.43 -3.73
CA ASN B 122 29.17 38.36 -3.52
C ASN B 122 27.89 37.77 -4.09
N LEU B 123 26.91 37.52 -3.21
CA LEU B 123 25.70 36.83 -3.59
C LEU B 123 24.91 37.62 -4.63
N GLN B 124 24.67 38.89 -4.33
CA GLN B 124 23.95 39.79 -5.23
C GLN B 124 24.57 39.77 -6.63
N SER B 125 25.88 39.98 -6.71
CA SER B 125 26.60 39.96 -7.97
C SER B 125 26.51 38.61 -8.67
N SER B 126 26.71 37.53 -7.92
CA SER B 126 26.78 36.19 -8.48
C SER B 126 25.45 35.75 -9.08
N ILE B 127 24.34 36.11 -8.44
CA ILE B 127 23.03 35.77 -8.95
C ILE B 127 22.77 36.51 -10.26
N GLU B 128 23.13 37.79 -10.31
CA GLU B 128 22.99 38.58 -11.52
C GLU B 128 23.75 37.92 -12.67
N LYS B 129 24.98 37.50 -12.39
CA LYS B 129 25.81 36.82 -13.38
C LYS B 129 25.18 35.52 -13.86
N TYR B 130 24.79 34.66 -12.92
CA TYR B 130 24.26 33.36 -13.25
C TYR B 130 22.96 33.46 -14.06
N LEU B 131 22.13 34.44 -13.71
CA LEU B 131 20.87 34.63 -14.40
C LEU B 131 21.08 35.13 -15.82
N SER B 132 22.11 35.94 -16.03
CA SER B 132 22.40 36.47 -17.36
C SER B 132 23.00 35.40 -18.27
N LEU B 133 23.70 34.44 -17.68
CA LEU B 133 24.30 33.36 -18.43
C LEU B 133 23.27 32.31 -18.84
N ASN B 134 22.09 32.35 -18.21
CA ASN B 134 21.04 31.37 -18.45
C ASN B 134 19.72 32.03 -18.83
N ASN B 135 18.73 31.21 -19.13
CA ASN B 135 17.37 31.68 -19.36
C ASN B 135 16.38 30.80 -18.58
N LEU B 136 16.38 30.98 -17.27
CA LEU B 136 15.60 30.13 -16.37
C LEU B 136 14.10 30.32 -16.56
N GLU B 137 13.39 29.22 -16.73
CA GLU B 137 11.93 29.24 -16.76
C GLU B 137 11.39 29.47 -15.36
N SER B 138 10.20 30.04 -15.27
CA SER B 138 9.55 30.26 -13.99
C SER B 138 8.79 29.00 -13.60
N TYR B 139 8.69 28.76 -12.29
CA TYR B 139 8.03 27.56 -11.79
C TYR B 139 7.18 27.91 -10.57
N GLU B 140 5.88 27.68 -10.70
CA GLU B 140 4.95 28.07 -9.66
C GLU B 140 4.97 27.09 -8.49
N ILE B 141 5.06 27.63 -7.28
CA ILE B 141 4.91 26.83 -6.06
C ILE B 141 3.98 27.57 -5.12
N TRP B 142 3.23 26.80 -4.32
CA TRP B 142 2.32 27.39 -3.37
C TRP B 142 3.08 27.92 -2.16
N ALA B 143 3.10 29.24 -2.01
CA ALA B 143 3.80 29.87 -0.91
C ALA B 143 3.30 31.30 -0.70
N ILE B 144 3.56 31.85 0.48
CA ILE B 144 3.21 33.23 0.78
C ILE B 144 4.43 33.96 1.31
N LYS B 145 4.77 35.06 0.66
CA LYS B 145 5.85 35.92 1.14
C LYS B 145 5.39 36.61 2.40
N LEU B 146 6.25 36.60 3.43
CA LEU B 146 5.84 37.01 4.76
C LEU B 146 6.10 38.48 5.02
N SER B 147 5.15 39.11 5.71
CA SER B 147 5.28 40.49 6.14
C SER B 147 4.79 40.61 7.58
N ASN B 148 5.01 41.77 8.18
CA ASN B 148 4.63 41.99 9.57
C ASN B 148 3.11 42.10 9.72
N ASP B 149 2.43 42.27 8.60
CA ASP B 149 0.98 42.51 8.59
C ASP B 149 0.16 41.29 8.16
N ASN B 150 0.72 40.48 7.27
CA ASN B 150 -0.04 39.39 6.64
C ASN B 150 0.10 38.04 7.34
N LEU B 151 0.46 38.06 8.62
CA LEU B 151 0.63 36.80 9.36
C LEU B 151 -0.70 36.13 9.66
N LYS B 152 -1.75 36.93 9.82
CA LYS B 152 -3.09 36.38 9.99
C LYS B 152 -3.52 35.67 8.71
N THR B 153 -3.11 36.24 7.58
CA THR B 153 -3.39 35.65 6.28
C THR B 153 -2.61 34.37 6.07
N ALA B 154 -1.36 34.36 6.54
CA ALA B 154 -0.51 33.19 6.42
C ALA B 154 -1.04 32.04 7.26
N GLU B 155 -1.60 32.37 8.42
CA GLU B 155 -2.19 31.36 9.31
C GLU B 155 -3.34 30.65 8.61
N LYS B 156 -4.23 31.42 8.00
CA LYS B 156 -5.39 30.87 7.32
C LYS B 156 -4.99 30.01 6.14
N LEU B 157 -3.98 30.47 5.39
CA LEU B 157 -3.47 29.73 4.23
C LEU B 157 -2.77 28.45 4.65
N LEU B 158 -2.05 28.49 5.76
CA LEU B 158 -1.34 27.31 6.24
C LEU B 158 -2.34 26.25 6.68
N LEU B 159 -3.41 26.69 7.33
CA LEU B 159 -4.47 25.79 7.75
C LEU B 159 -5.15 25.13 6.56
N SER B 160 -5.41 25.92 5.52
CA SER B 160 -6.11 25.42 4.34
C SER B 160 -5.27 24.40 3.58
N SER B 161 -3.96 24.44 3.77
CA SER B 161 -3.04 23.51 3.11
C SER B 161 -2.99 22.15 3.81
N LEU B 162 -3.64 22.06 4.96
CA LEU B 162 -3.64 20.85 5.78
C LEU B 162 -4.62 19.79 5.26
N ILE B 163 -5.49 20.17 4.33
CA ILE B 163 -6.52 19.26 3.87
C ILE B 163 -5.97 18.30 2.82
N LYS B 164 -6.49 17.08 2.82
CA LYS B 164 -6.06 16.07 1.86
C LYS B 164 -6.69 16.34 0.50
N ALA B 165 -6.01 17.17 -0.29
CA ALA B 165 -6.47 17.52 -1.63
C ALA B 165 -5.27 17.61 -2.58
N LYS B 166 -5.54 17.67 -3.87
CA LYS B 166 -4.48 17.68 -4.88
C LYS B 166 -3.77 19.02 -4.92
N ARG B 167 -4.48 20.10 -4.61
CA ARG B 167 -3.94 21.45 -4.70
C ARG B 167 -2.77 21.66 -3.72
N THR B 168 -2.83 20.98 -2.59
CA THR B 168 -1.84 21.19 -1.53
C THR B 168 -0.49 20.56 -1.89
N GLY B 169 -0.54 19.45 -2.61
CA GLY B 169 0.65 18.72 -3.01
C GLY B 169 0.78 17.40 -2.27
N LEU B 170 -0.14 17.14 -1.35
CA LEU B 170 -0.10 15.90 -0.57
C LEU B 170 -0.38 14.69 -1.46
N LYS B 171 0.18 13.55 -1.08
CA LYS B 171 0.00 12.31 -1.82
C LYS B 171 -0.48 11.20 -0.87
N PRO B 172 -1.68 11.37 -0.30
CA PRO B 172 -2.17 10.44 0.72
C PRO B 172 -2.63 9.10 0.16
N ALA B 173 -3.27 8.29 1.00
CA ALA B 173 -3.87 7.04 0.55
C ALA B 173 -5.14 7.33 -0.23
N TYR B 174 -5.82 8.40 0.15
CA TYR B 174 -7.02 8.85 -0.53
C TYR B 174 -7.27 10.32 -0.23
N TYR B 175 -8.01 11.00 -1.10
CA TYR B 175 -8.31 12.41 -0.91
C TYR B 175 -9.63 12.59 -0.14
N ASP B 176 -9.84 13.78 0.40
CA ASP B 176 -11.05 14.09 1.15
C ASP B 176 -12.26 14.05 0.24
N GLY B 177 -13.36 13.51 0.75
CA GLY B 177 -14.63 13.52 0.04
C GLY B 177 -15.24 14.90 0.10
N TRP B 178 -16.35 15.10 -0.61
CA TRP B 178 -16.99 16.40 -0.70
C TRP B 178 -17.47 16.88 0.67
N ILE B 179 -18.09 15.99 1.44
CA ILE B 179 -18.56 16.34 2.78
C ILE B 179 -17.38 16.75 3.65
N ALA B 180 -16.31 15.97 3.58
CA ALA B 180 -15.10 16.26 4.35
C ALA B 180 -14.58 17.65 4.02
N ARG B 181 -14.39 17.91 2.73
CA ARG B 181 -13.75 19.12 2.27
C ARG B 181 -14.55 20.39 2.58
N GLU B 182 -15.86 20.36 2.33
CA GLU B 182 -16.67 21.57 2.41
C GLU B 182 -17.39 21.76 3.75
N ILE B 183 -17.52 20.69 4.53
CA ILE B 183 -18.19 20.77 5.83
C ILE B 183 -17.25 20.47 6.98
N ASN B 184 -16.76 19.23 7.05
CA ASN B 184 -15.99 18.78 8.21
C ASN B 184 -14.68 19.54 8.40
N ARG B 185 -13.96 19.79 7.30
CA ARG B 185 -12.68 20.49 7.38
C ARG B 185 -12.85 21.91 7.91
N LYS B 186 -14.01 22.52 7.63
CA LYS B 186 -14.30 23.87 8.10
C LYS B 186 -14.25 23.95 9.62
N VAL B 187 -14.76 22.91 10.28
CA VAL B 187 -14.81 22.88 11.74
C VAL B 187 -13.49 22.36 12.33
N SER B 188 -12.95 21.31 11.76
CA SER B 188 -11.79 20.64 12.34
C SER B 188 -10.56 21.54 12.34
N LEU B 189 -10.36 22.28 11.25
CA LEU B 189 -9.24 23.20 11.15
C LEU B 189 -9.31 24.27 12.25
N ARG B 190 -10.52 24.68 12.59
CA ARG B 190 -10.71 25.64 13.67
C ARG B 190 -10.33 25.05 15.01
N ILE B 191 -10.51 23.73 15.15
CA ILE B 191 -10.13 23.02 16.37
C ILE B 191 -8.63 22.80 16.39
N SER B 192 -8.07 22.44 15.24
CA SER B 192 -6.64 22.19 15.14
C SER B 192 -5.83 23.45 15.39
N ARG B 193 -6.39 24.60 15.03
CA ARG B 193 -5.77 25.88 15.30
C ARG B 193 -5.54 26.06 16.80
N LEU B 194 -6.52 25.65 17.59
CA LEU B 194 -6.43 25.76 19.05
C LEU B 194 -5.52 24.68 19.63
N LEU B 195 -5.50 23.52 18.98
CA LEU B 195 -4.69 22.40 19.46
C LEU B 195 -3.20 22.58 19.14
N ALA B 196 -2.90 23.37 18.11
CA ALA B 196 -1.53 23.61 17.68
C ALA B 196 -0.67 24.18 18.80
N ASP B 197 -1.27 24.98 19.66
CA ASP B 197 -0.54 25.65 20.74
C ASP B 197 -0.35 24.75 21.95
N THR B 198 -0.75 23.48 21.83
CA THR B 198 -0.63 22.53 22.94
C THR B 198 0.37 21.43 22.61
N SER B 199 0.56 20.51 23.55
CA SER B 199 1.47 19.38 23.37
C SER B 199 0.74 18.14 22.86
N VAL B 200 -0.53 18.32 22.47
CA VAL B 200 -1.34 17.21 22.00
C VAL B 200 -0.77 16.64 20.71
N THR B 201 -0.61 15.32 20.68
CA THR B 201 -0.05 14.62 19.52
C THR B 201 -1.15 14.04 18.64
N PRO B 202 -0.83 13.77 17.36
CA PRO B 202 -1.78 13.15 16.44
C PRO B 202 -2.34 11.81 16.94
N ASN B 203 -1.49 10.95 17.49
CA ASN B 203 -1.92 9.65 17.99
C ASN B 203 -2.94 9.78 19.10
N GLN B 204 -2.77 10.78 19.95
CA GLN B 204 -3.71 11.01 21.04
C GLN B 204 -5.08 11.41 20.49
N ILE B 205 -5.08 12.24 19.46
CA ILE B 205 -6.32 12.68 18.83
C ILE B 205 -7.00 11.50 18.14
N THR B 206 -6.20 10.63 17.54
CA THR B 206 -6.70 9.44 16.87
C THR B 206 -7.42 8.52 17.86
N VAL B 207 -6.80 8.31 19.01
CA VAL B 207 -7.39 7.46 20.04
C VAL B 207 -8.63 8.13 20.63
N PHE B 208 -8.55 9.45 20.84
CA PHE B 208 -9.70 10.19 21.36
C PHE B 208 -10.86 10.15 20.37
N SER B 209 -10.54 10.29 19.08
CA SER B 209 -11.55 10.23 18.05
C SER B 209 -12.23 8.85 18.05
N PHE B 210 -11.43 7.81 18.20
CA PHE B 210 -11.95 6.45 18.28
C PHE B 210 -12.86 6.26 19.50
N PHE B 211 -12.46 6.84 20.62
CA PHE B 211 -13.23 6.71 21.85
C PHE B 211 -14.61 7.37 21.67
N LEU B 212 -14.65 8.48 20.95
CA LEU B 212 -15.90 9.18 20.69
C LEU B 212 -16.87 8.30 19.92
N SER B 213 -16.36 7.50 19.00
CA SER B 213 -17.19 6.61 18.22
C SER B 213 -17.83 5.56 19.11
N LEU B 214 -17.13 5.20 20.19
CA LEU B 214 -17.65 4.25 21.17
C LEU B 214 -18.74 4.88 22.00
N VAL B 215 -18.58 6.16 22.34
CA VAL B 215 -19.59 6.90 23.08
C VAL B 215 -20.87 6.97 22.24
N GLY B 216 -20.71 7.27 20.95
CA GLY B 216 -21.84 7.31 20.05
C GLY B 216 -22.53 5.96 19.94
N SER B 217 -21.73 4.90 19.88
CA SER B 217 -22.24 3.54 19.78
C SER B 217 -23.01 3.12 21.03
N ALA B 218 -22.47 3.49 22.19
CA ALA B 218 -23.11 3.16 23.46
C ALA B 218 -24.46 3.86 23.59
N LEU B 219 -24.54 5.08 23.07
CA LEU B 219 -25.77 5.85 23.14
C LEU B 219 -26.87 5.22 22.28
N PHE B 220 -26.49 4.62 21.16
CA PHE B 220 -27.43 3.91 20.31
C PHE B 220 -28.10 2.76 21.08
N LEU B 221 -27.33 2.11 21.95
CA LEU B 221 -27.81 0.92 22.66
C LEU B 221 -28.89 1.24 23.69
N LEU B 222 -28.97 2.49 24.12
CA LEU B 222 -29.93 2.87 25.15
C LEU B 222 -31.36 2.92 24.60
N ASN B 223 -31.47 2.86 23.27
CA ASN B 223 -32.75 2.68 22.60
C ASN B 223 -33.81 3.72 23.01
N SER B 224 -33.52 4.98 22.72
CA SER B 224 -34.50 6.05 22.88
C SER B 224 -34.16 7.15 21.89
N TYR B 225 -35.16 7.94 21.50
CA TYR B 225 -34.95 8.98 20.50
C TYR B 225 -33.87 9.95 20.97
N LEU B 226 -33.95 10.36 22.23
CA LEU B 226 -32.98 11.28 22.81
C LEU B 226 -31.55 10.74 22.65
N THR B 227 -31.32 9.53 23.13
CA THR B 227 -29.99 8.93 23.08
C THR B 227 -29.59 8.60 21.65
N THR B 228 -30.57 8.26 20.83
CA THR B 228 -30.33 8.01 19.40
C THR B 228 -29.94 9.32 18.72
N LEU B 229 -30.61 10.40 19.12
CA LEU B 229 -30.31 11.72 18.58
C LEU B 229 -28.92 12.17 19.00
N LEU B 230 -28.59 11.99 20.27
CA LEU B 230 -27.28 12.35 20.78
C LEU B 230 -26.19 11.53 20.11
N ALA B 231 -26.49 10.27 19.83
CA ALA B 231 -25.53 9.38 19.17
C ALA B 231 -25.13 9.93 17.81
N GLY B 232 -26.13 10.25 17.00
CA GLY B 232 -25.89 10.79 15.67
C GLY B 232 -25.03 12.04 15.68
N VAL B 233 -25.31 12.93 16.62
CA VAL B 233 -24.53 14.16 16.77
C VAL B 233 -23.08 13.82 17.07
N ILE B 234 -22.86 12.88 17.98
CA ILE B 234 -21.52 12.50 18.38
C ILE B 234 -20.79 11.74 17.28
N ILE B 235 -21.53 10.98 16.48
CA ILE B 235 -20.92 10.29 15.34
C ILE B 235 -20.41 11.30 14.32
N GLN B 236 -21.14 12.40 14.15
CA GLN B 236 -20.71 13.45 13.23
C GLN B 236 -19.53 14.21 13.83
N LEU B 237 -19.57 14.41 15.14
CA LEU B 237 -18.46 15.03 15.86
C LEU B 237 -17.20 14.19 15.66
N HIS B 238 -17.37 12.88 15.79
CA HIS B 238 -16.28 11.93 15.55
C HIS B 238 -15.73 12.06 14.13
N SER B 239 -16.63 12.20 13.16
CA SER B 239 -16.25 12.35 11.76
C SER B 239 -15.39 13.60 11.56
N ILE B 240 -15.75 14.67 12.24
CA ILE B 240 -15.02 15.93 12.14
C ILE B 240 -13.67 15.83 12.84
N ILE B 241 -13.68 15.38 14.09
CA ILE B 241 -12.46 15.33 14.90
C ILE B 241 -11.46 14.31 14.34
N ASP B 242 -11.96 13.31 13.63
CA ASP B 242 -11.09 12.32 12.99
C ASP B 242 -10.27 12.96 11.86
N GLY B 243 -10.53 14.23 11.58
CA GLY B 243 -9.73 14.98 10.64
C GLY B 243 -8.62 15.76 11.32
N CYS B 244 -8.76 15.97 12.63
CA CYS B 244 -7.81 16.79 13.38
C CYS B 244 -6.47 16.09 13.58
N ASP B 245 -6.50 14.77 13.70
CA ASP B 245 -5.27 14.00 13.92
C ASP B 245 -4.33 14.16 12.73
N GLY B 246 -4.89 14.11 11.52
CA GLY B 246 -4.10 14.29 10.31
C GLY B 246 -3.65 15.73 10.13
N GLU B 247 -4.52 16.66 10.51
CA GLU B 247 -4.22 18.09 10.41
C GLU B 247 -3.04 18.49 11.30
N ILE B 248 -3.09 18.10 12.57
CA ILE B 248 -2.02 18.41 13.51
C ILE B 248 -0.72 17.73 13.08
N ALA B 249 -0.84 16.52 12.54
CA ALA B 249 0.32 15.77 12.09
C ALA B 249 1.05 16.50 10.97
N ARG B 250 0.30 16.94 9.96
CA ARG B 250 0.87 17.68 8.83
C ARG B 250 1.29 19.08 9.25
N LEU B 251 0.51 19.69 10.13
CA LEU B 251 0.77 21.05 10.60
C LEU B 251 2.07 21.15 11.38
N LYS B 252 2.39 20.10 12.13
CA LYS B 252 3.53 20.13 13.05
C LYS B 252 4.62 19.15 12.65
N PHE B 253 4.52 18.61 11.45
CA PHE B 253 5.49 17.65 10.93
C PHE B 253 5.64 16.47 11.89
N MET B 254 4.52 15.99 12.42
CA MET B 254 4.51 14.85 13.32
C MET B 254 3.80 13.68 12.67
N GLU B 255 3.90 13.60 11.34
CA GLU B 255 3.35 12.46 10.62
C GLU B 255 4.18 11.22 10.92
N SER B 256 3.53 10.06 10.94
CA SER B 256 4.22 8.81 11.23
C SER B 256 3.55 7.65 10.53
N LYS B 257 4.31 6.59 10.25
CA LYS B 257 3.79 5.41 9.59
C LYS B 257 2.76 4.71 10.49
N TYR B 258 3.08 4.58 11.77
CA TYR B 258 2.17 3.95 12.72
C TYR B 258 0.90 4.77 12.88
N GLY B 259 1.06 6.09 12.91
CA GLY B 259 -0.07 6.99 13.03
C GLY B 259 -1.03 6.80 11.87
N ALA B 260 -0.48 6.70 10.66
CA ALA B 260 -1.28 6.49 9.46
C ALA B 260 -1.98 5.14 9.52
N TRP B 261 -1.26 4.14 10.02
CA TRP B 261 -1.80 2.80 10.16
C TRP B 261 -2.94 2.79 11.18
N LEU B 262 -2.65 3.34 12.37
CA LEU B 262 -3.62 3.36 13.47
C LEU B 262 -4.87 4.16 13.12
N ASP B 263 -4.68 5.30 12.47
CA ASP B 263 -5.76 6.19 12.09
C ASP B 263 -6.79 5.42 11.25
N GLY B 264 -6.29 4.64 10.31
CA GLY B 264 -7.14 3.82 9.45
C GLY B 264 -7.74 2.61 10.14
N VAL B 265 -6.93 1.86 10.86
CA VAL B 265 -7.40 0.62 11.49
C VAL B 265 -8.55 0.91 12.46
N LEU B 266 -8.40 1.95 13.27
CA LEU B 266 -9.42 2.27 14.26
C LEU B 266 -10.69 2.79 13.59
N ASP B 267 -10.56 3.37 12.40
CA ASP B 267 -11.73 3.81 11.66
C ASP B 267 -12.56 2.62 11.19
N ARG B 268 -11.90 1.49 10.96
CA ARG B 268 -12.59 0.27 10.58
C ARG B 268 -13.33 -0.29 11.81
N TYR B 269 -12.69 -0.24 12.96
CA TYR B 269 -13.32 -0.64 14.21
C TYR B 269 -14.54 0.22 14.50
N SER B 270 -14.39 1.53 14.32
CA SER B 270 -15.47 2.47 14.56
C SER B 270 -16.66 2.19 13.65
N ASP B 271 -16.39 2.03 12.36
CA ASP B 271 -17.46 1.76 11.40
C ASP B 271 -18.19 0.46 11.75
N PHE B 272 -17.43 -0.55 12.15
CA PHE B 272 -18.01 -1.83 12.51
C PHE B 272 -18.84 -1.76 13.80
N ILE B 273 -18.29 -1.11 14.82
CA ILE B 273 -18.94 -1.02 16.12
C ILE B 273 -20.21 -0.17 16.04
N ILE B 274 -20.16 0.90 15.25
CA ILE B 274 -21.34 1.76 15.08
C ILE B 274 -22.49 0.98 14.45
N VAL B 275 -22.21 0.27 13.36
CA VAL B 275 -23.22 -0.50 12.66
C VAL B 275 -23.75 -1.65 13.53
N PHE B 276 -22.86 -2.28 14.30
CA PHE B 276 -23.27 -3.36 15.19
C PHE B 276 -24.27 -2.89 16.24
N SER B 277 -23.99 -1.74 16.85
CA SER B 277 -24.86 -1.21 17.88
C SER B 277 -26.25 -0.89 17.35
N ILE B 278 -26.29 -0.32 16.14
CA ILE B 278 -27.57 0.01 15.51
C ILE B 278 -28.32 -1.26 15.11
N THR B 279 -27.58 -2.23 14.57
CA THR B 279 -28.16 -3.49 14.13
C THR B 279 -28.71 -4.29 15.30
N TYR B 280 -27.94 -4.36 16.38
CA TYR B 280 -28.31 -5.12 17.57
C TYR B 280 -29.63 -4.63 18.15
N VAL B 281 -29.78 -3.31 18.24
CA VAL B 281 -31.00 -2.71 18.76
C VAL B 281 -32.18 -3.02 17.85
N LEU B 282 -32.00 -2.82 16.55
CA LEU B 282 -33.07 -3.02 15.58
C LEU B 282 -33.49 -4.49 15.49
N SER B 283 -32.56 -5.39 15.80
CA SER B 283 -32.84 -6.83 15.73
C SER B 283 -33.91 -7.26 16.73
N ALA B 284 -34.08 -6.47 17.78
CA ALA B 284 -35.09 -6.77 18.79
C ALA B 284 -36.48 -6.67 18.19
N SER B 285 -36.63 -5.79 17.20
CA SER B 285 -37.90 -5.60 16.52
C SER B 285 -38.07 -6.59 15.36
N ASN B 286 -37.09 -6.62 14.46
CA ASN B 286 -37.12 -7.50 13.30
C ASN B 286 -35.74 -8.11 13.04
N PRO B 287 -35.61 -9.45 13.17
CA PRO B 287 -34.31 -10.08 12.95
C PRO B 287 -33.74 -9.89 11.55
N VAL B 288 -34.57 -9.44 10.61
CA VAL B 288 -34.13 -9.21 9.23
C VAL B 288 -33.03 -8.15 9.16
N TYR B 289 -33.01 -7.25 10.15
CA TYR B 289 -32.04 -6.16 10.15
C TYR B 289 -30.60 -6.66 10.37
N TRP B 290 -30.46 -7.89 10.87
CA TRP B 290 -29.15 -8.52 10.97
C TRP B 290 -28.50 -8.59 9.59
N ILE B 291 -29.30 -8.95 8.59
CA ILE B 291 -28.80 -9.10 7.23
C ILE B 291 -28.40 -7.74 6.66
N ILE B 292 -29.24 -6.72 6.88
CA ILE B 292 -28.95 -5.38 6.40
C ILE B 292 -27.73 -4.83 7.15
N GLY B 293 -27.64 -5.14 8.44
CA GLY B 293 -26.50 -4.76 9.24
C GLY B 293 -25.23 -5.41 8.74
N PHE B 294 -25.28 -6.72 8.50
CA PHE B 294 -24.14 -7.46 7.97
C PHE B 294 -23.65 -6.82 6.67
N LEU B 295 -24.59 -6.48 5.79
CA LEU B 295 -24.29 -5.90 4.50
C LEU B 295 -23.73 -4.49 4.63
N ALA B 296 -24.24 -3.73 5.60
CA ALA B 296 -23.80 -2.37 5.82
C ALA B 296 -22.38 -2.32 6.38
N ALA B 297 -22.11 -3.21 7.33
CA ALA B 297 -20.77 -3.29 7.91
C ALA B 297 -19.75 -3.69 6.85
N PHE B 298 -20.08 -4.72 6.09
CA PHE B 298 -19.20 -5.21 5.04
C PHE B 298 -18.90 -4.12 4.02
N ALA B 299 -19.94 -3.37 3.64
CA ALA B 299 -19.78 -2.28 2.68
C ALA B 299 -18.79 -1.25 3.19
N SER B 300 -18.97 -0.81 4.43
CA SER B 300 -18.11 0.20 5.02
C SER B 300 -16.65 -0.23 5.03
N LEU B 301 -16.41 -1.49 5.38
CA LEU B 301 -15.05 -2.02 5.43
C LEU B 301 -14.44 -2.17 4.03
N MET B 302 -15.25 -2.56 3.06
CA MET B 302 -14.77 -2.81 1.71
C MET B 302 -14.49 -1.53 0.94
N ILE B 303 -15.22 -0.46 1.25
CA ILE B 303 -14.92 0.84 0.66
C ILE B 303 -13.53 1.25 1.11
N ALA B 304 -13.21 0.97 2.37
CA ALA B 304 -11.89 1.25 2.91
C ALA B 304 -10.86 0.28 2.34
N TYR B 305 -11.20 -0.99 2.31
CA TYR B 305 -10.24 -2.03 1.91
C TYR B 305 -9.86 -1.91 0.43
N THR B 306 -10.83 -1.67 -0.44
CA THR B 306 -10.57 -1.55 -1.87
C THR B 306 -9.58 -0.40 -2.14
N GLY B 307 -9.73 0.68 -1.39
CA GLY B 307 -8.87 1.84 -1.54
C GLY B 307 -7.47 1.58 -1.02
N ASP B 308 -7.38 0.97 0.15
CA ASP B 308 -6.08 0.72 0.77
C ASP B 308 -5.34 -0.42 0.08
N LYS B 309 -6.10 -1.38 -0.47
CA LYS B 309 -5.50 -2.47 -1.21
C LYS B 309 -4.94 -1.95 -2.53
N PHE B 310 -5.62 -0.95 -3.10
CA PHE B 310 -5.13 -0.31 -4.31
C PHE B 310 -3.76 0.33 -4.05
N VAL B 311 -3.65 1.06 -2.95
CA VAL B 311 -2.40 1.70 -2.58
C VAL B 311 -1.32 0.64 -2.36
N ALA B 312 -1.71 -0.49 -1.78
CA ALA B 312 -0.77 -1.57 -1.49
C ALA B 312 -0.27 -2.24 -2.77
N ALA B 313 -1.13 -2.35 -3.76
CA ALA B 313 -0.81 -3.07 -4.99
C ALA B 313 -0.25 -2.15 -6.07
N TYR B 314 -0.68 -0.90 -6.09
CA TYR B 314 -0.28 0.07 -7.12
C TYR B 314 0.77 1.06 -6.61
N MET B 315 0.87 1.18 -5.28
CA MET B 315 1.82 2.09 -4.66
C MET B 315 1.63 3.54 -5.12
N ARG B 316 0.39 3.91 -5.39
CA ARG B 316 0.01 5.30 -5.57
C ARG B 316 -1.35 5.56 -4.95
N THR B 317 -1.67 6.84 -4.75
CA THR B 317 -2.95 7.23 -4.13
C THR B 317 -4.15 6.71 -4.91
N TYR B 318 -5.15 6.25 -4.18
CA TYR B 318 -6.42 5.87 -4.80
C TYR B 318 -7.28 7.11 -5.00
N SER B 319 -7.75 7.30 -6.23
CA SER B 319 -8.54 8.49 -6.56
C SER B 319 -9.35 8.25 -7.83
N PRO B 320 -10.68 8.09 -7.69
CA PRO B 320 -11.47 7.89 -8.91
C PRO B 320 -11.47 9.13 -9.80
N GLU B 321 -11.30 8.94 -11.10
CA GLU B 321 -11.19 10.06 -12.03
C GLU B 321 -12.53 10.73 -12.31
N GLY B 322 -13.54 9.90 -12.58
CA GLY B 322 -14.86 10.39 -12.95
C GLY B 322 -15.93 9.99 -11.94
N PHE B 323 -16.97 9.35 -12.43
CA PHE B 323 -18.11 8.99 -11.59
C PHE B 323 -17.68 8.05 -10.46
N ALA B 324 -18.15 8.36 -9.26
CA ALA B 324 -18.02 7.46 -8.12
C ALA B 324 -19.16 7.77 -7.18
N ILE B 325 -19.69 6.73 -6.54
CA ILE B 325 -20.80 6.92 -5.63
C ILE B 325 -20.31 7.57 -4.34
N PRO B 326 -20.95 8.68 -3.93
CA PRO B 326 -20.48 9.33 -2.71
C PRO B 326 -20.90 8.54 -1.48
N ILE B 327 -20.07 7.57 -1.10
CA ILE B 327 -20.34 6.73 0.05
C ILE B 327 -19.02 6.49 0.78
N THR B 328 -18.10 7.44 0.62
CA THR B 328 -16.87 7.45 1.41
C THR B 328 -17.23 7.76 2.85
N ARG B 329 -16.26 7.64 3.75
CA ARG B 329 -16.54 7.69 5.19
C ARG B 329 -17.23 8.98 5.63
N ASP B 330 -16.83 10.09 5.04
CA ASP B 330 -17.43 11.38 5.39
C ASP B 330 -18.94 11.37 5.08
N PHE B 331 -19.31 10.72 4.00
CA PHE B 331 -20.73 10.59 3.64
C PHE B 331 -21.45 9.59 4.54
N ARG B 332 -20.84 8.45 4.80
CA ARG B 332 -21.48 7.40 5.59
C ARG B 332 -21.87 7.89 6.98
N LEU B 333 -20.98 8.65 7.61
CA LEU B 333 -21.22 9.12 8.98
C LEU B 333 -22.22 10.28 9.00
N LEU B 334 -22.23 11.09 7.95
CA LEU B 334 -23.22 12.16 7.84
C LEU B 334 -24.62 11.55 7.64
N ILE B 335 -24.68 10.46 6.87
CA ILE B 335 -25.93 9.76 6.65
C ILE B 335 -26.45 9.15 7.96
N ILE B 336 -25.55 8.59 8.74
CA ILE B 336 -25.91 8.03 10.04
C ILE B 336 -26.41 9.16 10.94
N PHE B 337 -25.74 10.31 10.86
CA PHE B 337 -26.15 11.49 11.60
C PHE B 337 -27.54 11.95 11.19
N ALA B 338 -27.71 12.22 9.90
CA ALA B 338 -28.96 12.75 9.37
C ALA B 338 -30.14 11.81 9.66
N CYS B 339 -29.91 10.52 9.52
CA CYS B 339 -30.96 9.54 9.75
C CYS B 339 -31.26 9.38 11.24
N SER B 340 -30.26 9.64 12.07
CA SER B 340 -30.41 9.46 13.52
C SER B 340 -31.27 10.55 14.16
N VAL B 341 -31.22 11.77 13.64
CA VAL B 341 -31.96 12.87 14.25
C VAL B 341 -33.46 12.75 13.96
N VAL B 342 -33.82 11.96 12.95
CA VAL B 342 -35.22 11.67 12.65
C VAL B 342 -35.59 10.26 13.13
N ASN B 343 -34.74 9.69 13.97
CA ASN B 343 -35.01 8.41 14.61
C ASN B 343 -35.21 7.26 13.63
N LEU B 344 -34.46 7.30 12.51
CA LEU B 344 -34.49 6.22 11.53
C LEU B 344 -33.08 5.72 11.21
N PRO B 345 -32.33 5.31 12.25
CA PRO B 345 -30.98 4.78 12.01
C PRO B 345 -30.98 3.56 11.10
N SER B 346 -32.13 2.90 11.00
CA SER B 346 -32.29 1.76 10.11
C SER B 346 -32.13 2.17 8.65
N LEU B 347 -32.60 3.37 8.33
CA LEU B 347 -32.52 3.87 6.96
C LEU B 347 -31.07 4.09 6.55
N ALA B 348 -30.24 4.49 7.51
CA ALA B 348 -28.82 4.69 7.25
C ALA B 348 -28.17 3.36 6.86
N LEU B 349 -28.55 2.30 7.57
CA LEU B 349 -28.03 0.97 7.28
C LEU B 349 -28.41 0.55 5.86
N VAL B 350 -29.67 0.77 5.50
CA VAL B 350 -30.16 0.44 4.17
C VAL B 350 -29.38 1.22 3.10
N ILE B 351 -29.20 2.51 3.32
CA ILE B 351 -28.50 3.36 2.35
C ILE B 351 -27.04 2.95 2.22
N ILE B 352 -26.39 2.72 3.35
CA ILE B 352 -24.98 2.34 3.35
C ILE B 352 -24.82 0.97 2.71
N ALA B 353 -25.71 0.05 3.04
CA ALA B 353 -25.65 -1.31 2.50
C ALA B 353 -25.79 -1.32 0.98
N LEU B 354 -26.73 -0.53 0.47
CA LEU B 354 -27.00 -0.48 -0.96
C LEU B 354 -25.94 0.31 -1.72
N LEU B 355 -25.77 1.58 -1.34
CA LEU B 355 -24.81 2.45 -2.02
C LEU B 355 -23.39 1.92 -1.85
N GLY B 356 -23.11 1.40 -0.66
CA GLY B 356 -21.78 0.90 -0.35
C GLY B 356 -21.40 -0.32 -1.16
N ASN B 357 -22.28 -1.31 -1.19
CA ASN B 357 -21.97 -2.55 -1.89
C ASN B 357 -21.91 -2.39 -3.40
N PHE B 358 -22.76 -1.54 -3.96
CA PHE B 358 -22.71 -1.30 -5.40
C PHE B 358 -21.43 -0.55 -5.76
N GLU B 359 -21.00 0.34 -4.88
CA GLU B 359 -19.76 1.09 -5.11
C GLU B 359 -18.56 0.17 -5.08
N ALA B 360 -18.58 -0.80 -4.17
CA ALA B 360 -17.50 -1.78 -4.09
C ALA B 360 -17.41 -2.57 -5.40
N LEU B 361 -18.56 -3.07 -5.85
CA LEU B 361 -18.62 -3.79 -7.12
C LEU B 361 -18.18 -2.91 -8.28
N ARG B 362 -18.54 -1.63 -8.22
CA ARG B 362 -18.18 -0.68 -9.28
C ARG B 362 -16.67 -0.54 -9.40
N ARG B 363 -15.97 -0.53 -8.28
CA ARG B 363 -14.52 -0.38 -8.27
C ARG B 363 -13.85 -1.59 -8.92
N ILE B 364 -14.40 -2.77 -8.67
CA ILE B 364 -13.89 -4.00 -9.27
C ILE B 364 -13.94 -3.90 -10.79
N VAL B 365 -15.06 -3.42 -11.31
CA VAL B 365 -15.25 -3.31 -12.75
C VAL B 365 -14.41 -2.17 -13.33
N ALA B 366 -14.37 -1.05 -12.61
CA ALA B 366 -13.66 0.12 -13.10
C ALA B 366 -12.15 -0.09 -13.20
N LEU B 367 -11.60 -0.87 -12.29
CA LEU B 367 -10.16 -1.12 -12.27
C LEU B 367 -9.71 -2.07 -13.36
N ARG B 368 -10.63 -2.88 -13.88
CA ARG B 368 -10.33 -3.78 -14.98
C ARG B 368 -9.78 -3.01 -16.18
N SER B 369 -10.23 -1.77 -16.32
CA SER B 369 -9.79 -0.89 -17.41
C SER B 369 -8.80 0.14 -16.90
#